data_1U1H
#
_entry.id   1U1H
#
_cell.length_a   121.725
_cell.length_b   121.725
_cell.length_c   132.707
_cell.angle_alpha   90.00
_cell.angle_beta   90.00
_cell.angle_gamma   120.00
#
_symmetry.space_group_name_H-M   'P 65'
#
loop_
_entity.id
_entity.type
_entity.pdbx_description
1 polymer '5-methyltetrahydropteroyltriglutamate--homocysteine methyltransferase'
2 non-polymer 'ZINC ION'
3 non-polymer 'SULFATE ION'
4 non-polymer METHIONINE
5 water water
#
_entity_poly.entity_id   1
_entity_poly.type   'polypeptide(L)'
_entity_poly.pdbx_seq_one_letter_code
;(MSE)ASHIVGYPR(MSE)GPKRELKFALESFWDGKSTAEDLQKVSADLRSSIWKQ(MSE)SAAGTKFIPSNTFAHYDQV
LDTTA(MSE)LGAVPPRYGYTGGEIGLDVYFS(MSE)ARGNASVPA(MSE)E(MSE)TKWFDTNYHYIVPELGPEVNFSY
ASHKAVNEYKEAKALGVDTVPVLVGPVSYLLLSKAAKGVDKSFELLSLLPKILPIYKEVITELKAAGATWIQLDEPVLV
(MSE)DLEGQKLQAFTGAYAELESTLSGLNVLVETYFADIPAEAYKTLTSLKGVTAFGFDLVRGTKTLDLVKAGFPEGKY
LFAGVVDGRNIWANDFAASLSTLQALEGIVGKDKLVVSTSCSLLHTAVDLINETKLDDEIKSW(MSE)AFAAQKVVEVNA
LAKALAGQKDEALFSANAAALASRRSSPRVTNEGVQKAAAALKGSDHRRATNVSARLDAQQKKLNLPILPTTTIGSFPQT
VELRRVRREYKAKKVSEEDYVKAIKEEIKKVVDLQEELDIDVLVHGEPERND(MSE)VEYFGEQLSGFAFTANGWVQSYG
SRCVKPPVIYGDVSRPKA(MSE)TVFWSA(MSE)AQS(MSE)TSRP(MSE)KG(MSE)LTGPVTILNWSFVRNDQPRHET
CYQIALAIKDEVEDLEKGGIGVIQIDEAALREGLPLRKSEHAFYLDWAVHSFRITNCGVQDSTQIHTH(MSE)CYSHFND
IIHSIID(MSE)DADVITIENSRSDEKLLSVFREGVKYGAGIGPGVYDIHSPRIPSSEEIADRVNK(MSE)LAVLEQNIL
WVNPDCGLKTRKYTEVKPALKN(MSE)VDAAKLIRSQLASAK
;
_entity_poly.pdbx_strand_id   A
#
loop_
_chem_comp.id
_chem_comp.type
_chem_comp.name
_chem_comp.formula
SO4 non-polymer 'SULFATE ION' 'O4 S -2'
ZN non-polymer 'ZINC ION' 'Zn 2'
#
# COMPACT_ATOMS: atom_id res chain seq x y z
N ALA A 2 -24.32 -20.98 -5.46
CA ALA A 2 -23.64 -20.68 -4.18
C ALA A 2 -22.76 -19.43 -4.30
N SER A 3 -22.59 -18.73 -3.19
CA SER A 3 -21.79 -17.52 -3.14
C SER A 3 -20.68 -17.70 -2.10
N HIS A 4 -19.60 -16.94 -2.25
CA HIS A 4 -18.46 -17.02 -1.33
C HIS A 4 -17.74 -15.68 -1.18
N ILE A 5 -17.12 -15.50 -0.02
CA ILE A 5 -16.36 -14.28 0.26
C ILE A 5 -15.02 -14.74 0.86
N VAL A 6 -13.92 -14.32 0.22
CA VAL A 6 -12.60 -14.76 0.66
C VAL A 6 -12.12 -14.19 1.99
N GLY A 7 -12.65 -13.02 2.35
CA GLY A 7 -12.24 -12.39 3.59
C GLY A 7 -13.06 -11.14 3.83
N TYR A 8 -12.95 -10.58 5.03
CA TYR A 8 -13.74 -9.39 5.35
C TYR A 8 -12.98 -8.38 6.21
N PRO A 9 -13.31 -7.09 6.09
CA PRO A 9 -12.68 -6.02 6.86
C PRO A 9 -12.97 -6.30 8.33
N ARG A 10 -12.08 -5.88 9.22
CA ARG A 10 -12.29 -6.14 10.65
C ARG A 10 -12.34 -4.92 11.55
N MSE A 11 -12.24 -3.72 10.96
CA MSE A 11 -12.25 -2.49 11.73
C MSE A 11 -13.65 -2.03 12.15
O MSE A 11 -13.79 -1.27 13.11
CB MSE A 11 -11.55 -1.38 10.96
CG MSE A 11 -10.63 -0.50 11.81
SE MSE A 11 -8.76 -1.04 11.80
CE MSE A 11 -8.80 -2.52 13.06
N GLY A 12 -14.68 -2.48 11.44
CA GLY A 12 -16.04 -2.09 11.77
C GLY A 12 -16.53 -0.94 10.91
N PRO A 13 -17.85 -0.76 10.78
CA PRO A 13 -18.43 0.33 9.96
C PRO A 13 -17.94 1.73 10.34
N LYS A 14 -17.67 1.93 11.62
CA LYS A 14 -17.18 3.22 12.13
C LYS A 14 -15.85 3.04 12.87
N ARG A 15 -15.02 2.12 12.38
CA ARG A 15 -13.73 1.84 12.98
C ARG A 15 -13.81 1.53 14.48
N GLU A 16 -14.82 0.76 14.87
CA GLU A 16 -14.98 0.37 16.28
C GLU A 16 -13.71 -0.29 16.85
N LEU A 17 -13.15 -1.24 16.11
CA LEU A 17 -11.95 -1.94 16.56
C LEU A 17 -10.72 -1.04 16.78
N LYS A 18 -10.59 -0.01 15.96
CA LYS A 18 -9.47 0.91 16.07
C LYS A 18 -9.46 1.55 17.45
N PHE A 19 -10.61 2.09 17.84
CA PHE A 19 -10.72 2.74 19.12
C PHE A 19 -10.68 1.77 20.29
N ALA A 20 -11.18 0.56 20.08
CA ALA A 20 -11.15 -0.45 21.13
C ALA A 20 -9.70 -0.85 21.39
N LEU A 21 -8.94 -1.08 20.32
CA LEU A 21 -7.54 -1.45 20.44
C LEU A 21 -6.74 -0.31 21.08
N GLU A 22 -6.99 0.90 20.60
CA GLU A 22 -6.30 2.07 21.12
C GLU A 22 -6.66 2.36 22.58
N SER A 23 -7.90 2.07 22.95
CA SER A 23 -8.35 2.28 24.33
C SER A 23 -7.60 1.28 25.19
N PHE A 24 -7.60 0.02 24.76
CA PHE A 24 -6.91 -1.04 25.48
C PHE A 24 -5.43 -0.76 25.60
N TRP A 25 -4.79 -0.43 24.48
CA TRP A 25 -3.36 -0.15 24.50
C TRP A 25 -3.02 0.96 25.49
N ASP A 26 -3.89 1.95 25.59
CA ASP A 26 -3.65 3.05 26.52
C ASP A 26 -4.01 2.70 27.96
N GLY A 27 -4.63 1.54 28.15
CA GLY A 27 -5.00 1.14 29.49
C GLY A 27 -6.25 1.81 30.04
N LYS A 28 -7.08 2.33 29.15
CA LYS A 28 -8.31 2.99 29.57
C LYS A 28 -9.51 2.06 29.47
N SER A 29 -9.24 0.79 29.17
CA SER A 29 -10.28 -0.23 29.04
C SER A 29 -9.57 -1.56 29.26
N THR A 30 -10.30 -2.57 29.72
CA THR A 30 -9.73 -3.88 30.01
C THR A 30 -9.67 -4.84 28.83
N ALA A 31 -9.05 -5.99 29.05
CA ALA A 31 -8.94 -7.00 28.01
C ALA A 31 -10.35 -7.45 27.62
N GLU A 32 -11.20 -7.69 28.61
CA GLU A 32 -12.57 -8.12 28.33
C GLU A 32 -13.31 -7.11 27.48
N ASP A 33 -13.15 -5.83 27.79
CA ASP A 33 -13.83 -4.79 27.03
C ASP A 33 -13.48 -4.88 25.55
N LEU A 34 -12.23 -5.20 25.26
CA LEU A 34 -11.72 -5.32 23.89
C LEU A 34 -12.36 -6.56 23.24
N GLN A 35 -12.40 -7.65 23.99
CA GLN A 35 -12.97 -8.90 23.51
C GLN A 35 -14.47 -8.74 23.22
N LYS A 36 -15.16 -7.97 24.05
CA LYS A 36 -16.57 -7.74 23.87
C LYS A 36 -16.79 -7.00 22.54
N VAL A 37 -15.97 -6.00 22.27
CA VAL A 37 -16.08 -5.26 21.03
C VAL A 37 -15.69 -6.17 19.86
N SER A 38 -14.72 -7.04 20.09
CA SER A 38 -14.27 -7.97 19.04
C SER A 38 -15.33 -9.02 18.68
N ALA A 39 -15.91 -9.63 19.71
CA ALA A 39 -16.93 -10.66 19.47
C ALA A 39 -18.19 -10.07 18.84
N ASP A 40 -18.62 -8.90 19.29
CA ASP A 40 -19.83 -8.33 18.69
C ASP A 40 -19.62 -8.05 17.22
N LEU A 41 -18.42 -7.59 16.89
CA LEU A 41 -18.06 -7.26 15.52
C LEU A 41 -18.12 -8.48 14.62
N ARG A 42 -17.60 -9.61 15.13
CA ARG A 42 -17.61 -10.86 14.38
C ARG A 42 -19.03 -11.38 14.20
N SER A 43 -19.84 -11.34 15.27
CA SER A 43 -21.23 -11.78 15.21
C SER A 43 -21.97 -10.99 14.13
N SER A 44 -21.78 -9.67 14.18
CA SER A 44 -22.38 -8.75 13.22
C SER A 44 -21.99 -9.07 11.78
N ILE A 45 -20.69 -9.29 11.55
CA ILE A 45 -20.19 -9.60 10.21
C ILE A 45 -20.81 -10.93 9.72
N TRP A 46 -20.74 -11.95 10.56
CA TRP A 46 -21.28 -13.26 10.20
C TRP A 46 -22.76 -13.28 9.89
N LYS A 47 -23.56 -12.64 10.74
CA LYS A 47 -24.99 -12.62 10.49
C LYS A 47 -25.28 -11.79 9.26
N GLN A 48 -24.52 -10.72 9.06
CA GLN A 48 -24.71 -9.87 7.89
C GLN A 48 -24.56 -10.70 6.63
N MSE A 49 -23.44 -11.41 6.52
CA MSE A 49 -23.20 -12.23 5.34
C MSE A 49 -24.21 -13.35 5.22
O MSE A 49 -24.62 -13.70 4.11
CB MSE A 49 -21.78 -12.79 5.35
CG MSE A 49 -20.71 -11.74 5.10
SE MSE A 49 -18.97 -12.54 4.85
CE MSE A 49 -18.35 -12.59 6.67
N SER A 50 -24.59 -13.89 6.36
CA SER A 50 -25.56 -14.99 6.37
C SER A 50 -26.92 -14.53 5.82
N ALA A 51 -27.47 -13.47 6.41
CA ALA A 51 -28.75 -12.94 5.95
C ALA A 51 -28.74 -12.61 4.45
N ALA A 52 -27.56 -12.31 3.92
CA ALA A 52 -27.40 -11.97 2.51
C ALA A 52 -27.54 -13.16 1.57
N GLY A 53 -27.46 -14.37 2.12
CA GLY A 53 -27.59 -15.54 1.28
C GLY A 53 -26.27 -16.24 1.00
N THR A 54 -25.19 -15.67 1.52
CA THR A 54 -23.84 -16.21 1.33
C THR A 54 -23.73 -17.63 1.90
N LYS A 55 -23.22 -18.55 1.09
CA LYS A 55 -23.07 -19.93 1.51
C LYS A 55 -21.74 -20.24 2.16
N PHE A 56 -20.68 -19.64 1.64
CA PHE A 56 -19.37 -19.89 2.19
C PHE A 56 -18.93 -18.62 2.88
N ILE A 57 -19.23 -18.57 4.17
CA ILE A 57 -18.92 -17.44 5.00
C ILE A 57 -17.62 -17.72 5.75
N PRO A 58 -16.62 -16.85 5.59
CA PRO A 58 -15.32 -17.01 6.25
C PRO A 58 -15.25 -16.71 7.73
N SER A 59 -14.47 -17.53 8.45
CA SER A 59 -14.24 -17.32 9.87
C SER A 59 -12.71 -17.29 9.98
N ASN A 60 -12.22 -16.50 10.94
CA ASN A 60 -10.80 -16.31 11.19
C ASN A 60 -10.22 -15.21 10.29
N THR A 61 -11.07 -14.44 9.63
CA THR A 61 -10.59 -13.32 8.80
C THR A 61 -10.31 -12.19 9.76
N PHE A 62 -11.05 -12.18 10.86
CA PHE A 62 -10.90 -11.16 11.88
C PHE A 62 -9.47 -11.22 12.42
N ALA A 63 -8.96 -10.09 12.86
CA ALA A 63 -7.62 -10.04 13.41
C ALA A 63 -7.49 -8.81 14.29
N HIS A 64 -6.76 -8.93 15.39
CA HIS A 64 -6.52 -7.80 16.28
C HIS A 64 -5.43 -6.93 15.70
N TYR A 65 -4.60 -7.51 14.85
CA TYR A 65 -3.54 -6.73 14.25
C TYR A 65 -3.21 -7.16 12.84
N ASP A 66 -2.86 -8.44 12.67
CA ASP A 66 -2.49 -8.94 11.35
C ASP A 66 -2.74 -10.44 11.18
N GLN A 67 -3.20 -10.83 10.00
CA GLN A 67 -3.46 -12.23 9.71
C GLN A 67 -2.20 -13.10 9.76
N VAL A 68 -1.09 -12.62 9.21
CA VAL A 68 0.16 -13.38 9.24
C VAL A 68 0.62 -13.53 10.68
N LEU A 69 0.56 -12.45 11.46
CA LEU A 69 0.95 -12.51 12.87
C LEU A 69 0.05 -13.54 13.54
N ASP A 70 -1.20 -13.65 13.05
CA ASP A 70 -2.14 -14.61 13.61
C ASP A 70 -1.62 -16.03 13.43
N THR A 71 -1.20 -16.35 12.22
CA THR A 71 -0.69 -17.69 11.96
C THR A 71 0.64 -17.89 12.70
N THR A 72 1.35 -16.81 12.97
CA THR A 72 2.60 -16.91 13.73
C THR A 72 2.28 -17.34 15.18
N ALA A 73 1.16 -16.85 15.71
CA ALA A 73 0.76 -17.20 17.06
C ALA A 73 0.26 -18.65 17.06
N MSE A 74 -0.43 -19.02 15.98
CA MSE A 74 -0.96 -20.36 15.82
C MSE A 74 0.16 -21.39 15.77
O MSE A 74 -0.03 -22.53 16.18
CB MSE A 74 -1.78 -20.45 14.51
CG MSE A 74 -2.41 -21.82 14.29
SE MSE A 74 -3.04 -22.12 12.49
CE MSE A 74 -4.91 -21.93 12.77
N LEU A 75 1.32 -20.99 15.29
CA LEU A 75 2.47 -21.89 15.20
C LEU A 75 3.45 -21.70 16.36
N GLY A 76 3.07 -20.85 17.31
CA GLY A 76 3.92 -20.60 18.45
C GLY A 76 5.31 -20.11 18.09
N ALA A 77 5.48 -19.61 16.87
CA ALA A 77 6.77 -19.13 16.44
C ALA A 77 7.09 -17.72 16.93
N VAL A 78 7.12 -17.51 18.24
CA VAL A 78 7.43 -16.17 18.73
C VAL A 78 8.94 -16.03 18.99
N PRO A 79 9.52 -14.91 18.51
CA PRO A 79 10.95 -14.62 18.66
C PRO A 79 11.47 -14.71 20.09
N PRO A 80 12.73 -15.14 20.26
CA PRO A 80 13.41 -15.30 21.54
C PRO A 80 13.35 -14.10 22.48
N ARG A 81 13.62 -12.92 21.94
CA ARG A 81 13.62 -11.69 22.75
C ARG A 81 12.35 -11.40 23.54
N TYR A 82 11.25 -12.06 23.23
CA TYR A 82 9.99 -11.82 23.95
C TYR A 82 9.87 -12.70 25.19
N GLY A 83 10.80 -13.63 25.33
CA GLY A 83 10.81 -14.50 26.48
C GLY A 83 9.53 -15.28 26.74
N TYR A 84 8.91 -15.74 25.66
CA TYR A 84 7.69 -16.55 25.74
C TYR A 84 8.13 -17.94 26.19
N THR A 85 7.33 -18.62 27.01
CA THR A 85 7.71 -19.95 27.48
C THR A 85 6.66 -21.03 27.26
N GLY A 86 5.85 -20.89 26.22
CA GLY A 86 4.83 -21.89 25.96
C GLY A 86 3.45 -21.61 26.54
N GLY A 87 2.46 -22.38 26.09
CA GLY A 87 1.11 -22.20 26.54
C GLY A 87 0.31 -21.37 25.54
N GLU A 88 -1.00 -21.34 25.71
CA GLU A 88 -1.85 -20.58 24.80
C GLU A 88 -1.47 -19.11 24.81
N ILE A 89 -1.04 -18.60 23.66
CA ILE A 89 -0.65 -17.19 23.51
C ILE A 89 -1.84 -16.23 23.70
N GLY A 90 -1.63 -15.13 24.44
CA GLY A 90 -2.71 -14.17 24.66
C GLY A 90 -2.34 -12.77 24.21
N LEU A 91 -3.21 -11.80 24.49
CA LEU A 91 -2.99 -10.42 24.10
C LEU A 91 -1.57 -9.88 24.33
N ASP A 92 -1.03 -10.10 25.54
CA ASP A 92 0.31 -9.65 25.88
C ASP A 92 1.32 -9.99 24.80
N VAL A 93 1.63 -11.28 24.69
CA VAL A 93 2.60 -11.75 23.71
C VAL A 93 2.27 -11.26 22.30
N TYR A 94 1.00 -11.35 21.91
CA TYR A 94 0.57 -10.95 20.58
C TYR A 94 0.86 -9.47 20.26
N PHE A 95 0.37 -8.56 21.09
CA PHE A 95 0.61 -7.14 20.82
C PHE A 95 2.08 -6.81 21.01
N SER A 96 2.75 -7.61 21.83
CA SER A 96 4.16 -7.39 22.05
C SER A 96 4.93 -7.63 20.75
N MSE A 97 4.51 -8.62 19.99
CA MSE A 97 5.17 -8.92 18.73
C MSE A 97 4.77 -7.84 17.72
O MSE A 97 5.60 -7.35 16.95
CB MSE A 97 4.74 -10.28 18.18
CG MSE A 97 5.24 -11.48 18.98
SE MSE A 97 4.81 -13.15 18.11
CE MSE A 97 2.94 -13.27 18.60
N ALA A 98 3.50 -7.47 17.77
CA ALA A 98 2.94 -6.49 16.86
C ALA A 98 3.46 -5.07 17.03
N ARG A 99 3.64 -4.62 18.27
CA ARG A 99 4.12 -3.26 18.47
C ARG A 99 5.28 -3.10 19.42
N GLY A 100 5.80 -4.21 19.94
CA GLY A 100 6.90 -4.12 20.88
C GLY A 100 6.44 -3.55 22.22
N ASN A 101 7.39 -3.37 23.14
CA ASN A 101 7.06 -2.82 24.44
C ASN A 101 8.16 -1.89 24.96
N ALA A 102 8.01 -1.45 26.21
CA ALA A 102 8.97 -0.57 26.82
C ALA A 102 10.42 -1.05 26.85
N SER A 103 10.67 -2.33 26.55
CA SER A 103 12.04 -2.83 26.59
C SER A 103 12.42 -3.78 25.47
N VAL A 104 11.53 -3.97 24.51
CA VAL A 104 11.82 -4.85 23.38
C VAL A 104 11.16 -4.35 22.11
N PRO A 105 11.92 -4.31 21.01
CA PRO A 105 11.38 -3.83 19.74
C PRO A 105 10.35 -4.80 19.15
N ALA A 106 9.48 -4.27 18.30
CA ALA A 106 8.46 -5.05 17.63
C ALA A 106 9.05 -5.74 16.41
N MSE A 107 8.31 -6.71 15.87
CA MSE A 107 8.72 -7.42 14.66
C MSE A 107 8.55 -6.47 13.49
O MSE A 107 7.77 -5.51 13.56
CB MSE A 107 7.86 -8.67 14.46
CG MSE A 107 8.04 -9.70 15.56
SE MSE A 107 6.88 -11.23 15.43
CE MSE A 107 8.06 -12.41 14.43
N GLU A 108 9.27 -6.72 12.41
CA GLU A 108 9.19 -5.88 11.24
C GLU A 108 7.86 -6.03 10.52
N MSE A 109 7.39 -4.97 9.87
CA MSE A 109 6.16 -5.08 9.12
C MSE A 109 6.48 -4.66 7.70
O MSE A 109 7.26 -3.73 7.50
CB MSE A 109 5.05 -4.21 9.71
CG MSE A 109 5.11 -2.72 9.42
SE MSE A 109 3.47 -1.92 10.10
CE MSE A 109 3.87 -1.95 12.00
N THR A 110 5.91 -5.34 6.73
CA THR A 110 6.18 -5.01 5.34
C THR A 110 4.93 -5.06 4.47
N LYS A 111 5.07 -4.60 3.24
CA LYS A 111 3.95 -4.55 2.29
C LYS A 111 3.44 -5.93 1.87
N TRP A 112 2.13 -6.08 1.97
CA TRP A 112 1.45 -7.32 1.63
C TRP A 112 1.18 -7.30 0.11
N PHE A 113 1.96 -8.08 -0.63
CA PHE A 113 1.86 -8.16 -2.07
C PHE A 113 1.84 -6.77 -2.68
N ASP A 114 0.92 -6.47 -3.59
CA ASP A 114 0.93 -5.11 -4.15
C ASP A 114 -0.15 -4.21 -3.59
N THR A 115 -0.66 -4.55 -2.40
CA THR A 115 -1.71 -3.76 -1.78
C THR A 115 -1.09 -2.67 -0.92
N ASN A 116 -1.94 -1.88 -0.26
CA ASN A 116 -1.47 -0.82 0.61
C ASN A 116 -1.62 -1.28 2.06
N TYR A 117 -1.68 -2.59 2.25
CA TYR A 117 -1.79 -3.18 3.59
C TYR A 117 -0.41 -3.75 3.98
N HIS A 118 -0.12 -3.81 5.27
CA HIS A 118 1.18 -4.32 5.72
C HIS A 118 1.02 -5.41 6.77
N TYR A 119 1.82 -6.45 6.64
CA TYR A 119 1.77 -7.56 7.57
C TYR A 119 3.04 -7.64 8.41
N ILE A 120 3.02 -8.45 9.46
CA ILE A 120 4.17 -8.62 10.35
C ILE A 120 4.96 -9.82 9.83
N VAL A 121 6.26 -9.63 9.56
CA VAL A 121 7.06 -10.71 9.02
C VAL A 121 7.61 -11.71 10.03
N PRO A 122 7.30 -12.99 9.84
CA PRO A 122 7.78 -14.02 10.77
C PRO A 122 9.32 -14.08 10.71
N GLU A 123 9.95 -14.28 11.86
CA GLU A 123 11.40 -14.38 11.94
C GLU A 123 11.72 -15.83 12.24
N LEU A 124 11.95 -16.60 11.20
CA LEU A 124 12.21 -18.02 11.37
C LEU A 124 13.66 -18.48 11.28
N GLY A 125 13.93 -19.64 11.87
CA GLY A 125 15.26 -20.22 11.89
C GLY A 125 15.21 -21.62 12.49
N PRO A 126 16.27 -22.43 12.33
CA PRO A 126 16.34 -23.80 12.85
C PRO A 126 16.11 -23.93 14.36
N GLU A 127 16.38 -22.87 15.12
CA GLU A 127 16.21 -22.91 16.57
C GLU A 127 14.78 -22.71 17.10
N VAL A 128 13.86 -22.26 16.26
CA VAL A 128 12.50 -22.04 16.73
C VAL A 128 11.74 -23.35 16.93
N ASN A 129 11.21 -23.52 18.14
CA ASN A 129 10.44 -24.70 18.51
C ASN A 129 8.95 -24.41 18.39
N PHE A 130 8.41 -24.68 17.21
CA PHE A 130 7.00 -24.48 16.91
C PHE A 130 6.06 -25.28 17.81
N SER A 131 4.82 -24.81 17.93
CA SER A 131 3.81 -25.49 18.74
C SER A 131 2.44 -24.83 18.53
N TYR A 132 1.38 -25.63 18.68
CA TYR A 132 0.01 -25.14 18.51
C TYR A 132 -0.25 -24.23 19.73
N ALA A 133 0.02 -22.94 19.56
CA ALA A 133 -0.13 -21.97 20.64
C ALA A 133 -1.26 -20.95 20.53
N SER A 134 -2.19 -21.17 19.62
CA SER A 134 -3.29 -20.23 19.45
C SER A 134 -4.46 -20.91 18.76
N HIS A 135 -5.58 -21.02 19.47
CA HIS A 135 -6.78 -21.65 18.95
C HIS A 135 -7.79 -20.65 18.38
N LYS A 136 -7.29 -19.56 17.82
CA LYS A 136 -8.14 -18.52 17.27
C LYS A 136 -9.12 -19.02 16.22
N ALA A 137 -8.64 -19.89 15.33
CA ALA A 137 -9.48 -20.42 14.28
C ALA A 137 -10.59 -21.33 14.80
N VAL A 138 -10.21 -22.38 15.53
CA VAL A 138 -11.22 -23.29 16.03
C VAL A 138 -12.22 -22.53 16.91
N ASN A 139 -11.73 -21.60 17.73
CA ASN A 139 -12.60 -20.79 18.58
C ASN A 139 -13.61 -20.02 17.73
N GLU A 140 -13.12 -19.27 16.74
CA GLU A 140 -14.01 -18.52 15.89
C GLU A 140 -15.03 -19.41 15.19
N TYR A 141 -14.60 -20.60 14.79
CA TYR A 141 -15.52 -21.50 14.13
C TYR A 141 -16.66 -21.86 15.08
N LYS A 142 -16.31 -22.22 16.31
CA LYS A 142 -17.29 -22.62 17.30
C LYS A 142 -18.18 -21.47 17.74
N GLU A 143 -17.59 -20.29 17.85
CA GLU A 143 -18.31 -19.10 18.26
C GLU A 143 -19.41 -18.81 17.23
N ALA A 144 -19.02 -18.82 15.97
CA ALA A 144 -19.94 -18.56 14.88
C ALA A 144 -20.98 -19.67 14.83
N LYS A 145 -20.56 -20.88 15.14
CA LYS A 145 -21.45 -22.03 15.16
C LYS A 145 -22.60 -21.73 16.12
N ALA A 146 -22.24 -21.40 17.36
CA ALA A 146 -23.24 -21.08 18.38
C ALA A 146 -24.19 -19.97 17.92
N LEU A 147 -23.64 -18.94 17.28
CA LEU A 147 -24.47 -17.83 16.78
C LEU A 147 -25.44 -18.33 15.71
N GLY A 148 -25.20 -19.55 15.23
CA GLY A 148 -26.07 -20.12 14.22
C GLY A 148 -25.60 -19.97 12.79
N VAL A 149 -24.36 -19.54 12.59
CA VAL A 149 -23.86 -19.39 11.23
C VAL A 149 -22.64 -20.29 11.01
N ASP A 150 -22.80 -21.32 10.18
CA ASP A 150 -21.70 -22.23 9.90
C ASP A 150 -20.74 -21.50 8.96
N THR A 151 -19.46 -21.51 9.32
CA THR A 151 -18.44 -20.82 8.56
C THR A 151 -17.36 -21.69 7.94
N VAL A 152 -16.53 -21.06 7.12
CA VAL A 152 -15.41 -21.70 6.46
C VAL A 152 -14.15 -21.10 7.09
N PRO A 153 -13.43 -21.90 7.89
CA PRO A 153 -12.20 -21.37 8.54
C PRO A 153 -11.16 -20.98 7.49
N VAL A 154 -10.47 -19.86 7.72
CA VAL A 154 -9.43 -19.40 6.79
C VAL A 154 -8.04 -19.39 7.41
N LEU A 155 -7.12 -20.13 6.81
CA LEU A 155 -5.74 -20.19 7.26
C LEU A 155 -4.77 -19.74 6.17
N VAL A 156 -3.67 -19.09 6.55
CA VAL A 156 -2.69 -18.72 5.56
C VAL A 156 -1.98 -20.03 5.30
N GLY A 157 -1.94 -20.44 4.03
CA GLY A 157 -1.30 -21.70 3.66
C GLY A 157 0.09 -21.85 4.23
N PRO A 158 0.46 -23.05 4.68
CA PRO A 158 1.79 -23.31 5.25
C PRO A 158 3.00 -22.90 4.40
N VAL A 159 2.96 -23.18 3.09
CA VAL A 159 4.10 -22.81 2.26
C VAL A 159 4.12 -21.31 1.91
N SER A 160 2.95 -20.66 1.84
CA SER A 160 2.93 -19.22 1.58
C SER A 160 3.46 -18.55 2.83
N TYR A 161 3.07 -19.09 3.98
CA TYR A 161 3.51 -18.56 5.26
C TYR A 161 5.02 -18.56 5.35
N LEU A 162 5.67 -19.64 4.91
CA LEU A 162 7.12 -19.71 4.96
C LEU A 162 7.77 -18.76 3.96
N LEU A 163 7.24 -18.72 2.74
CA LEU A 163 7.81 -17.85 1.74
C LEU A 163 7.65 -16.37 2.09
N LEU A 164 6.74 -16.07 3.02
CA LEU A 164 6.50 -14.68 3.42
C LEU A 164 7.33 -14.30 4.65
N SER A 165 8.05 -15.28 5.19
CA SER A 165 8.86 -15.06 6.39
C SER A 165 10.26 -14.63 6.03
N LYS A 166 11.08 -14.40 7.04
CA LYS A 166 12.48 -14.02 6.83
C LYS A 166 13.30 -14.68 7.94
N ALA A 167 14.52 -15.07 7.61
CA ALA A 167 15.40 -15.71 8.58
C ALA A 167 15.72 -14.74 9.70
N ALA A 168 15.67 -15.23 10.93
CA ALA A 168 15.96 -14.41 12.09
C ALA A 168 17.46 -14.06 12.12
N LYS A 169 17.83 -13.06 12.91
CA LYS A 169 19.23 -12.68 13.02
C LYS A 169 20.10 -13.85 13.46
N GLY A 170 21.30 -13.94 12.87
CA GLY A 170 22.21 -15.00 13.23
C GLY A 170 21.95 -16.34 12.56
N VAL A 171 21.06 -16.34 11.58
CA VAL A 171 20.74 -17.57 10.87
C VAL A 171 21.53 -17.56 9.57
N ASP A 172 22.47 -18.49 9.43
CA ASP A 172 23.29 -18.59 8.23
C ASP A 172 22.50 -18.35 6.95
N LYS A 173 23.12 -17.69 5.98
CA LYS A 173 22.46 -17.38 4.70
C LYS A 173 22.13 -18.66 3.93
N SER A 174 22.87 -19.72 4.20
CA SER A 174 22.66 -21.01 3.54
C SER A 174 21.27 -21.56 3.84
N PHE A 175 20.80 -21.32 5.06
CA PHE A 175 19.49 -21.78 5.52
C PHE A 175 18.38 -21.43 4.52
N GLU A 176 17.42 -22.33 4.39
CA GLU A 176 16.30 -22.14 3.48
C GLU A 176 15.01 -22.32 4.27
N LEU A 177 14.21 -21.26 4.34
CA LEU A 177 12.94 -21.29 5.08
C LEU A 177 12.08 -22.52 4.82
N LEU A 178 11.89 -22.83 3.54
CA LEU A 178 11.08 -23.96 3.12
C LEU A 178 11.52 -25.28 3.76
N SER A 179 12.64 -25.25 4.47
CA SER A 179 13.18 -26.43 5.14
C SER A 179 12.45 -26.69 6.46
N LEU A 180 11.61 -25.74 6.84
CA LEU A 180 10.85 -25.83 8.08
C LEU A 180 9.50 -26.52 7.93
N LEU A 181 9.09 -26.80 6.71
CA LEU A 181 7.81 -27.45 6.49
C LEU A 181 7.57 -28.63 7.42
N PRO A 182 8.56 -29.48 7.62
CA PRO A 182 8.34 -30.62 8.51
C PRO A 182 7.97 -30.24 9.94
N LYS A 183 8.32 -29.02 10.33
CA LYS A 183 8.01 -28.56 11.68
C LYS A 183 6.66 -27.85 11.83
N ILE A 184 6.18 -27.22 10.77
CA ILE A 184 4.91 -26.50 10.88
C ILE A 184 3.69 -27.28 10.42
N LEU A 185 3.89 -28.19 9.48
CA LEU A 185 2.82 -29.02 8.94
C LEU A 185 2.08 -29.82 10.02
N PRO A 186 2.82 -30.37 10.99
CA PRO A 186 2.14 -31.13 12.04
C PRO A 186 1.13 -30.27 12.79
N ILE A 187 1.46 -29.01 13.00
CA ILE A 187 0.57 -28.10 13.70
C ILE A 187 -0.66 -27.80 12.83
N TYR A 188 -0.46 -27.63 11.54
CA TYR A 188 -1.59 -27.40 10.67
C TYR A 188 -2.51 -28.61 10.76
N LYS A 189 -1.92 -29.79 10.92
CA LYS A 189 -2.71 -31.02 11.02
C LYS A 189 -3.64 -30.99 12.25
N GLU A 190 -3.07 -30.63 13.39
CA GLU A 190 -3.83 -30.58 14.63
C GLU A 190 -4.96 -29.57 14.56
N VAL A 191 -4.70 -28.42 13.92
CA VAL A 191 -5.72 -27.38 13.77
C VAL A 191 -6.86 -27.86 12.86
N ILE A 192 -6.51 -28.56 11.79
CA ILE A 192 -7.49 -29.07 10.84
C ILE A 192 -8.32 -30.18 11.47
N THR A 193 -7.70 -30.91 12.39
CA THR A 193 -8.36 -32.01 13.08
C THR A 193 -9.41 -31.47 14.05
N GLU A 194 -9.09 -30.41 14.75
CA GLU A 194 -10.05 -29.81 15.67
C GLU A 194 -11.20 -29.19 14.85
N LEU A 195 -10.85 -28.56 13.74
CA LEU A 195 -11.86 -27.95 12.88
C LEU A 195 -12.88 -28.98 12.40
N LYS A 196 -12.39 -30.15 12.00
CA LYS A 196 -13.29 -31.21 11.53
C LYS A 196 -14.13 -31.69 12.70
N ALA A 197 -13.49 -31.89 13.84
CA ALA A 197 -14.19 -32.34 15.04
C ALA A 197 -15.30 -31.37 15.41
N ALA A 198 -15.04 -30.07 15.25
CA ALA A 198 -16.02 -29.05 15.59
C ALA A 198 -17.20 -29.00 14.61
N GLY A 199 -17.07 -29.64 13.46
CA GLY A 199 -18.16 -29.65 12.51
C GLY A 199 -17.88 -29.01 11.17
N ALA A 200 -16.75 -28.32 11.05
CA ALA A 200 -16.40 -27.68 9.79
C ALA A 200 -16.34 -28.73 8.68
N THR A 201 -16.89 -28.41 7.53
CA THR A 201 -16.88 -29.33 6.40
C THR A 201 -16.08 -28.75 5.25
N TRP A 202 -15.80 -27.46 5.32
CA TRP A 202 -15.00 -26.75 4.33
C TRP A 202 -13.93 -25.99 5.09
N ILE A 203 -12.77 -25.84 4.48
CA ILE A 203 -11.67 -25.12 5.09
C ILE A 203 -11.04 -24.34 3.94
N GLN A 204 -10.47 -23.18 4.23
CA GLN A 204 -9.87 -22.34 3.20
C GLN A 204 -8.38 -22.07 3.48
N LEU A 205 -7.52 -22.45 2.52
CA LEU A 205 -6.10 -22.21 2.66
C LEU A 205 -5.67 -21.14 1.65
N ASP A 206 -5.22 -20.00 2.16
CA ASP A 206 -4.77 -18.90 1.31
C ASP A 206 -3.34 -19.14 0.90
N GLU A 207 -3.10 -19.36 -0.38
CA GLU A 207 -1.74 -19.58 -0.88
C GLU A 207 -1.48 -18.51 -1.96
N PRO A 208 -1.60 -17.22 -1.59
CA PRO A 208 -1.37 -16.17 -2.59
C PRO A 208 0.01 -16.17 -3.25
N VAL A 209 1.02 -16.75 -2.61
CA VAL A 209 2.34 -16.74 -3.21
C VAL A 209 2.31 -17.44 -4.57
N LEU A 210 1.37 -18.37 -4.74
CA LEU A 210 1.27 -19.07 -6.01
C LEU A 210 1.08 -18.12 -7.19
N VAL A 211 0.66 -16.88 -6.94
CA VAL A 211 0.47 -15.92 -8.03
C VAL A 211 1.79 -15.24 -8.40
N MSE A 212 2.84 -15.52 -7.61
CA MSE A 212 4.15 -14.93 -7.84
C MSE A 212 4.95 -15.76 -8.85
O MSE A 212 4.51 -16.81 -9.28
CB MSE A 212 4.94 -14.87 -6.52
CG MSE A 212 4.29 -14.03 -5.43
SE MSE A 212 4.20 -12.15 -5.88
CE MSE A 212 2.55 -12.19 -6.81
N ASP A 213 6.12 -15.25 -9.23
CA ASP A 213 6.97 -15.99 -10.17
C ASP A 213 7.79 -16.96 -9.35
N LEU A 214 7.37 -18.21 -9.33
CA LEU A 214 8.06 -19.22 -8.57
C LEU A 214 8.86 -20.21 -9.39
N GLU A 215 10.09 -20.46 -8.93
CA GLU A 215 10.98 -21.41 -9.57
C GLU A 215 10.37 -22.81 -9.42
N GLY A 216 10.83 -23.76 -10.21
CA GLY A 216 10.29 -25.11 -10.13
C GLY A 216 10.50 -25.76 -8.76
N GLN A 217 11.63 -25.46 -8.14
CA GLN A 217 11.94 -26.03 -6.83
C GLN A 217 10.94 -25.62 -5.78
N LYS A 218 10.49 -24.36 -5.81
CA LYS A 218 9.54 -23.88 -4.83
C LYS A 218 8.14 -24.45 -5.05
N LEU A 219 7.67 -24.46 -6.28
CA LEU A 219 6.36 -25.02 -6.57
C LEU A 219 6.32 -26.44 -6.02
N GLN A 220 7.44 -27.15 -6.14
CA GLN A 220 7.51 -28.51 -5.65
C GLN A 220 7.18 -28.57 -4.16
N ALA A 221 7.56 -27.53 -3.42
CA ALA A 221 7.29 -27.47 -1.99
C ALA A 221 5.79 -27.51 -1.72
N PHE A 222 5.00 -26.88 -2.58
CA PHE A 222 3.56 -26.92 -2.39
C PHE A 222 3.11 -28.37 -2.49
N THR A 223 3.46 -28.99 -3.62
CA THR A 223 3.13 -30.38 -3.89
C THR A 223 3.39 -31.33 -2.71
N GLY A 224 4.59 -31.24 -2.14
CA GLY A 224 4.92 -32.09 -1.02
C GLY A 224 4.09 -31.77 0.21
N ALA A 225 3.87 -30.49 0.44
CA ALA A 225 3.10 -30.05 1.59
C ALA A 225 1.68 -30.60 1.56
N TYR A 226 1.01 -30.45 0.43
CA TYR A 226 -0.35 -30.95 0.34
C TYR A 226 -0.43 -32.47 0.28
N ALA A 227 0.63 -33.11 -0.20
CA ALA A 227 0.63 -34.57 -0.25
C ALA A 227 0.71 -35.05 1.19
N GLU A 228 1.50 -34.33 1.99
CA GLU A 228 1.70 -34.65 3.41
C GLU A 228 0.46 -34.30 4.23
N LEU A 229 -0.40 -33.46 3.68
CA LEU A 229 -1.62 -33.03 4.36
C LEU A 229 -2.87 -33.80 3.92
N GLU A 230 -2.78 -34.44 2.76
CA GLU A 230 -3.92 -35.18 2.21
C GLU A 230 -4.74 -36.05 3.16
N SER A 231 -4.09 -36.97 3.88
CA SER A 231 -4.84 -37.83 4.79
C SER A 231 -5.61 -37.06 5.85
N THR A 232 -5.06 -35.93 6.29
CA THR A 232 -5.72 -35.11 7.30
C THR A 232 -6.88 -34.32 6.67
N LEU A 233 -6.72 -33.93 5.41
CA LEU A 233 -7.76 -33.18 4.69
C LEU A 233 -8.89 -34.10 4.27
N SER A 234 -8.74 -35.39 4.57
CA SER A 234 -9.74 -36.38 4.20
C SER A 234 -11.11 -36.08 4.79
N GLY A 235 -12.14 -36.23 3.97
CA GLY A 235 -13.50 -35.99 4.41
C GLY A 235 -13.69 -34.53 4.72
N LEU A 236 -13.24 -33.69 3.79
CA LEU A 236 -13.32 -32.26 3.98
C LEU A 236 -13.10 -31.60 2.63
N ASN A 237 -13.94 -30.64 2.29
CA ASN A 237 -13.74 -29.92 1.04
C ASN A 237 -12.67 -28.88 1.36
N VAL A 238 -11.71 -28.74 0.45
CA VAL A 238 -10.63 -27.80 0.68
C VAL A 238 -10.47 -26.81 -0.47
N LEU A 239 -10.52 -25.53 -0.12
CA LEU A 239 -10.39 -24.47 -1.09
C LEU A 239 -9.03 -23.82 -0.90
N VAL A 240 -8.23 -23.82 -1.96
CA VAL A 240 -6.93 -23.16 -1.89
C VAL A 240 -7.18 -21.83 -2.59
N GLU A 241 -6.97 -20.74 -1.87
CA GLU A 241 -7.22 -19.41 -2.45
C GLU A 241 -6.00 -18.76 -3.09
N THR A 242 -6.29 -17.90 -4.05
CA THR A 242 -5.29 -17.19 -4.82
C THR A 242 -5.79 -15.78 -5.17
N TYR A 243 -4.90 -14.79 -5.18
CA TYR A 243 -5.34 -13.46 -5.53
C TYR A 243 -4.26 -12.40 -5.80
N PHE A 244 -4.70 -11.31 -6.43
CA PHE A 244 -3.90 -10.14 -6.80
C PHE A 244 -3.27 -10.20 -8.18
N ALA A 245 -3.28 -11.37 -8.80
CA ALA A 245 -2.70 -11.55 -10.12
C ALA A 245 -3.04 -12.92 -10.69
N ASP A 246 -2.73 -13.13 -11.97
CA ASP A 246 -3.01 -14.41 -12.64
C ASP A 246 -2.04 -15.47 -12.15
N ILE A 247 -2.35 -16.75 -12.39
CA ILE A 247 -1.48 -17.85 -11.97
C ILE A 247 -0.60 -18.34 -13.13
N PRO A 248 0.72 -18.30 -12.95
CA PRO A 248 1.67 -18.76 -13.98
C PRO A 248 1.35 -20.18 -14.42
N ALA A 249 1.50 -20.44 -15.72
CA ALA A 249 1.21 -21.75 -16.31
C ALA A 249 1.68 -22.92 -15.46
N GLU A 250 2.96 -22.95 -15.12
CA GLU A 250 3.50 -24.01 -14.30
C GLU A 250 2.81 -24.04 -12.94
N ALA A 251 2.68 -22.87 -12.32
CA ALA A 251 2.05 -22.77 -11.01
C ALA A 251 0.64 -23.36 -11.05
N TYR A 252 -0.02 -23.23 -12.20
CA TYR A 252 -1.38 -23.75 -12.40
C TYR A 252 -1.40 -25.28 -12.39
N LYS A 253 -0.34 -25.89 -12.91
CA LYS A 253 -0.26 -27.35 -12.92
C LYS A 253 -0.11 -27.83 -11.49
N THR A 254 0.79 -27.20 -10.75
CA THR A 254 1.02 -27.57 -9.34
C THR A 254 -0.26 -27.44 -8.54
N LEU A 255 -0.92 -26.30 -8.71
CA LEU A 255 -2.15 -25.98 -8.00
C LEU A 255 -3.32 -26.92 -8.27
N THR A 256 -3.64 -27.14 -9.55
CA THR A 256 -4.76 -28.01 -9.92
C THR A 256 -4.54 -29.50 -9.68
N SER A 257 -3.39 -29.86 -9.14
CA SER A 257 -3.11 -31.26 -8.86
C SER A 257 -2.61 -31.47 -7.44
N LEU A 258 -2.95 -30.54 -6.54
CA LEU A 258 -2.55 -30.65 -5.14
C LEU A 258 -3.41 -31.71 -4.45
N LYS A 259 -2.79 -32.56 -3.64
CA LYS A 259 -3.53 -33.61 -2.94
C LYS A 259 -4.48 -33.07 -1.88
N GLY A 260 -5.70 -33.63 -1.85
CA GLY A 260 -6.67 -33.19 -0.87
C GLY A 260 -7.45 -31.93 -1.21
N VAL A 261 -7.00 -31.21 -2.23
CA VAL A 261 -7.67 -29.97 -2.61
C VAL A 261 -8.83 -30.26 -3.57
N THR A 262 -10.01 -29.72 -3.24
CA THR A 262 -11.18 -29.95 -4.08
C THR A 262 -11.74 -28.67 -4.70
N ALA A 263 -11.22 -27.52 -4.29
CA ALA A 263 -11.70 -26.25 -4.82
C ALA A 263 -10.57 -25.25 -5.08
N PHE A 264 -10.75 -24.42 -6.10
CA PHE A 264 -9.73 -23.44 -6.46
C PHE A 264 -10.27 -22.02 -6.56
N GLY A 265 -9.63 -21.09 -5.85
CA GLY A 265 -10.06 -19.70 -5.87
C GLY A 265 -9.21 -18.87 -6.82
N PHE A 266 -9.85 -18.18 -7.75
CA PHE A 266 -9.13 -17.37 -8.74
C PHE A 266 -9.55 -15.91 -8.76
N ASP A 267 -8.56 -15.03 -8.79
CA ASP A 267 -8.81 -13.59 -8.88
C ASP A 267 -9.09 -13.34 -10.37
N LEU A 268 -10.35 -13.08 -10.71
CA LEU A 268 -10.70 -12.85 -12.11
C LEU A 268 -10.95 -11.38 -12.42
N VAL A 269 -10.34 -10.52 -11.62
CA VAL A 269 -10.45 -9.08 -11.82
C VAL A 269 -9.03 -8.65 -12.14
N ARG A 270 -8.08 -9.19 -11.40
CA ARG A 270 -6.67 -8.88 -11.61
C ARG A 270 -5.87 -10.04 -12.21
N GLY A 271 -6.47 -11.21 -12.31
CA GLY A 271 -5.78 -12.34 -12.87
C GLY A 271 -6.64 -13.04 -13.90
N THR A 272 -7.40 -12.26 -14.68
CA THR A 272 -8.28 -12.80 -15.70
C THR A 272 -7.52 -13.71 -16.65
N LYS A 273 -6.23 -13.43 -16.83
CA LYS A 273 -5.41 -14.22 -17.72
C LYS A 273 -5.48 -15.71 -17.37
N THR A 274 -5.68 -16.00 -16.10
CA THR A 274 -5.77 -17.39 -15.66
C THR A 274 -6.88 -18.13 -16.39
N LEU A 275 -7.88 -17.39 -16.87
CA LEU A 275 -8.99 -18.02 -17.59
C LEU A 275 -8.48 -18.90 -18.74
N ASP A 276 -7.46 -18.43 -19.46
CA ASP A 276 -6.91 -19.19 -20.58
C ASP A 276 -6.56 -20.61 -20.18
N LEU A 277 -5.87 -20.75 -19.06
CA LEU A 277 -5.49 -22.07 -18.57
C LEU A 277 -6.71 -22.90 -18.18
N VAL A 278 -7.73 -22.24 -17.62
CA VAL A 278 -8.94 -22.92 -17.21
C VAL A 278 -9.60 -23.55 -18.43
N LYS A 279 -9.72 -22.76 -19.50
CA LYS A 279 -10.33 -23.23 -20.73
C LYS A 279 -9.46 -24.32 -21.34
N ALA A 280 -8.16 -24.23 -21.15
CA ALA A 280 -7.26 -25.23 -21.67
C ALA A 280 -7.51 -26.55 -20.94
N GLY A 281 -7.77 -26.49 -19.63
CA GLY A 281 -8.01 -27.71 -18.89
C GLY A 281 -8.18 -27.57 -17.39
N PHE A 282 -9.36 -27.91 -16.89
CA PHE A 282 -9.66 -27.83 -15.47
C PHE A 282 -9.86 -29.24 -14.91
N PRO A 283 -9.46 -29.48 -13.65
CA PRO A 283 -9.61 -30.80 -13.04
C PRO A 283 -11.03 -31.38 -13.16
N GLU A 284 -11.07 -32.71 -13.16
CA GLU A 284 -12.30 -33.50 -13.28
C GLU A 284 -13.52 -32.87 -12.61
N GLY A 285 -13.73 -33.18 -11.33
CA GLY A 285 -14.87 -32.62 -10.63
C GLY A 285 -14.52 -31.74 -9.43
N LYS A 286 -13.72 -30.71 -9.68
CA LYS A 286 -13.33 -29.80 -8.61
C LYS A 286 -14.14 -28.51 -8.73
N TYR A 287 -14.27 -27.79 -7.61
CA TYR A 287 -15.01 -26.53 -7.61
C TYR A 287 -14.10 -25.42 -8.09
N LEU A 288 -14.71 -24.43 -8.75
CA LEU A 288 -13.98 -23.28 -9.21
C LEU A 288 -14.64 -22.05 -8.59
N PHE A 289 -13.93 -21.37 -7.71
CA PHE A 289 -14.44 -20.18 -7.06
C PHE A 289 -14.04 -18.99 -7.91
N ALA A 290 -15.01 -18.40 -8.61
CA ALA A 290 -14.74 -17.27 -9.48
C ALA A 290 -14.84 -15.90 -8.78
N GLY A 291 -13.68 -15.33 -8.48
CA GLY A 291 -13.62 -14.04 -7.83
C GLY A 291 -13.85 -12.94 -8.84
N VAL A 292 -15.12 -12.72 -9.15
CA VAL A 292 -15.52 -11.75 -10.14
C VAL A 292 -15.87 -10.38 -9.55
N VAL A 293 -16.09 -10.35 -8.25
CA VAL A 293 -16.41 -9.10 -7.60
C VAL A 293 -15.12 -8.56 -7.00
N ASP A 294 -14.70 -7.41 -7.49
CA ASP A 294 -13.47 -6.77 -7.05
C ASP A 294 -13.51 -6.33 -5.60
N GLY A 295 -12.64 -6.90 -4.77
CA GLY A 295 -12.62 -6.54 -3.37
C GLY A 295 -11.41 -5.68 -3.06
N ARG A 296 -10.83 -5.13 -4.12
CA ARG A 296 -9.63 -4.30 -4.04
C ARG A 296 -9.95 -2.83 -4.39
N ASN A 297 -11.16 -2.57 -4.90
CA ASN A 297 -11.53 -1.22 -5.26
C ASN A 297 -12.87 -0.81 -4.69
N ILE A 298 -13.33 0.36 -5.12
CA ILE A 298 -14.56 0.96 -4.63
C ILE A 298 -15.72 1.08 -5.61
N TRP A 299 -15.60 0.48 -6.78
CA TRP A 299 -16.64 0.58 -7.79
C TRP A 299 -17.67 -0.52 -7.76
N ALA A 300 -18.89 -0.19 -8.20
CA ALA A 300 -19.99 -1.15 -8.26
C ALA A 300 -19.65 -2.13 -9.38
N ASN A 301 -19.97 -3.41 -9.17
CA ASN A 301 -19.68 -4.44 -10.17
C ASN A 301 -20.51 -4.34 -11.44
N ASP A 302 -19.95 -4.81 -12.55
CA ASP A 302 -20.66 -4.83 -13.83
C ASP A 302 -21.37 -6.17 -13.89
N PHE A 303 -22.59 -6.22 -13.36
CA PHE A 303 -23.39 -7.45 -13.33
C PHE A 303 -23.44 -8.16 -14.67
N ALA A 304 -23.82 -7.43 -15.71
CA ALA A 304 -23.90 -8.03 -17.05
C ALA A 304 -22.63 -8.80 -17.39
N ALA A 305 -21.51 -8.09 -17.40
CA ALA A 305 -20.22 -8.68 -17.73
C ALA A 305 -19.92 -9.90 -16.87
N SER A 306 -20.09 -9.75 -15.55
CA SER A 306 -19.81 -10.84 -14.64
C SER A 306 -20.62 -12.07 -14.99
N LEU A 307 -21.92 -11.88 -15.23
CA LEU A 307 -22.78 -13.02 -15.57
C LEU A 307 -22.27 -13.71 -16.82
N SER A 308 -21.91 -12.92 -17.82
CA SER A 308 -21.42 -13.46 -19.07
C SER A 308 -20.22 -14.36 -18.81
N THR A 309 -19.32 -13.91 -17.94
CA THR A 309 -18.13 -14.67 -17.59
C THR A 309 -18.47 -15.92 -16.77
N LEU A 310 -19.30 -15.75 -15.76
CA LEU A 310 -19.69 -16.86 -14.90
C LEU A 310 -20.37 -17.98 -15.67
N GLN A 311 -21.19 -17.60 -16.65
CA GLN A 311 -21.91 -18.60 -17.42
C GLN A 311 -20.97 -19.43 -18.29
N ALA A 312 -19.94 -18.79 -18.82
CA ALA A 312 -18.98 -19.50 -19.65
C ALA A 312 -18.27 -20.54 -18.78
N LEU A 313 -17.89 -20.13 -17.57
CA LEU A 313 -17.21 -21.02 -16.64
C LEU A 313 -18.13 -22.17 -16.28
N GLU A 314 -19.43 -21.88 -16.24
CA GLU A 314 -20.43 -22.88 -15.91
C GLU A 314 -20.35 -23.99 -16.96
N GLY A 315 -20.12 -23.60 -18.21
CA GLY A 315 -20.00 -24.57 -19.27
C GLY A 315 -18.85 -25.50 -18.99
N ILE A 316 -17.74 -24.95 -18.49
CA ILE A 316 -16.55 -25.75 -18.17
C ILE A 316 -16.80 -26.72 -17.01
N VAL A 317 -17.64 -26.32 -16.07
CA VAL A 317 -17.96 -27.18 -14.92
C VAL A 317 -19.44 -26.96 -14.61
N GLY A 318 -19.72 -25.81 -13.99
CA GLY A 318 -21.07 -25.39 -13.64
C GLY A 318 -22.13 -26.32 -13.07
N LYS A 319 -21.94 -27.63 -13.25
CA LYS A 319 -22.89 -28.62 -12.73
C LYS A 319 -22.85 -28.60 -11.21
N ASP A 320 -23.00 -27.40 -10.65
CA ASP A 320 -22.99 -27.18 -9.22
C ASP A 320 -21.55 -27.15 -8.71
N LYS A 321 -20.62 -26.81 -9.58
CA LYS A 321 -19.20 -26.74 -9.21
C LYS A 321 -18.61 -25.35 -9.39
N LEU A 322 -19.46 -24.40 -9.75
CA LEU A 322 -19.07 -23.02 -9.98
C LEU A 322 -19.61 -22.15 -8.83
N VAL A 323 -18.71 -21.56 -8.05
CA VAL A 323 -19.11 -20.71 -6.92
C VAL A 323 -18.72 -19.26 -7.19
N VAL A 324 -19.66 -18.33 -6.96
CA VAL A 324 -19.38 -16.92 -7.20
C VAL A 324 -18.63 -16.39 -5.99
N SER A 325 -17.51 -15.72 -6.23
CA SER A 325 -16.67 -15.22 -5.14
C SER A 325 -16.15 -13.81 -5.41
N THR A 326 -15.35 -13.28 -4.49
CA THR A 326 -14.75 -11.97 -4.66
C THR A 326 -13.34 -12.15 -5.19
N SER A 327 -12.74 -11.11 -5.79
CA SER A 327 -11.40 -11.24 -6.35
C SER A 327 -10.32 -11.44 -5.29
N CYS A 328 -10.59 -10.94 -4.09
CA CYS A 328 -9.66 -11.07 -2.98
C CYS A 328 -10.42 -10.69 -1.72
N SER A 329 -9.73 -10.71 -0.58
CA SER A 329 -10.35 -10.37 0.69
C SER A 329 -10.88 -8.95 0.63
N LEU A 330 -12.08 -8.73 1.17
CA LEU A 330 -12.68 -7.41 1.17
C LEU A 330 -11.94 -6.48 2.15
N LEU A 331 -10.92 -7.05 2.79
CA LEU A 331 -10.07 -6.34 3.72
C LEU A 331 -9.48 -5.11 3.04
N HIS A 332 -9.23 -5.24 1.73
CA HIS A 332 -8.63 -4.17 0.95
C HIS A 332 -9.60 -3.14 0.36
N THR A 333 -10.83 -3.12 0.86
CA THR A 333 -11.82 -2.14 0.42
C THR A 333 -12.51 -1.55 1.66
N ALA A 334 -13.39 -0.57 1.45
CA ALA A 334 -14.10 0.08 2.55
C ALA A 334 -15.24 -0.79 3.09
N VAL A 335 -15.71 -0.50 4.28
CA VAL A 335 -16.76 -1.30 4.89
C VAL A 335 -18.21 -1.18 4.36
N ASP A 336 -18.83 -0.01 4.49
CA ASP A 336 -20.23 0.13 4.05
C ASP A 336 -20.58 1.48 3.38
N LEU A 337 -21.05 1.41 2.14
CA LEU A 337 -21.43 2.61 1.38
C LEU A 337 -22.56 3.37 2.08
N ILE A 338 -23.40 2.62 2.80
CA ILE A 338 -24.53 3.18 3.51
C ILE A 338 -24.12 4.38 4.36
N ASN A 339 -22.90 4.36 4.88
CA ASN A 339 -22.43 5.45 5.73
C ASN A 339 -21.85 6.65 5.00
N GLU A 340 -22.05 6.70 3.69
CA GLU A 340 -21.58 7.84 2.90
C GLU A 340 -22.78 8.74 2.71
N THR A 341 -22.85 9.81 3.50
CA THR A 341 -23.98 10.73 3.45
C THR A 341 -23.72 12.11 2.86
N LYS A 342 -22.61 12.28 2.14
CA LYS A 342 -22.33 13.57 1.54
C LYS A 342 -22.30 13.45 0.01
N LEU A 343 -21.69 12.38 -0.47
CA LEU A 343 -21.61 12.14 -1.91
C LEU A 343 -23.01 12.07 -2.51
N ASP A 344 -23.20 12.74 -3.65
CA ASP A 344 -24.50 12.74 -4.31
C ASP A 344 -24.93 11.33 -4.71
N ASP A 345 -26.23 11.11 -4.82
CA ASP A 345 -26.76 9.80 -5.19
C ASP A 345 -26.17 9.19 -6.47
N GLU A 346 -25.89 10.02 -7.47
CA GLU A 346 -25.34 9.50 -8.73
C GLU A 346 -23.96 8.89 -8.58
N ILE A 347 -23.04 9.59 -7.93
CA ILE A 347 -21.70 9.04 -7.76
C ILE A 347 -21.77 7.81 -6.89
N LYS A 348 -22.68 7.80 -5.91
CA LYS A 348 -22.84 6.64 -5.03
C LYS A 348 -23.38 5.45 -5.80
N SER A 349 -24.24 5.69 -6.77
CA SER A 349 -24.80 4.59 -7.57
C SER A 349 -23.71 3.87 -8.35
N TRP A 350 -22.60 4.57 -8.58
CA TRP A 350 -21.46 4.00 -9.31
C TRP A 350 -20.57 3.22 -8.38
N MSE A 351 -20.74 3.44 -7.07
CA MSE A 351 -19.90 2.78 -6.09
C MSE A 351 -20.46 1.55 -5.41
O MSE A 351 -21.59 1.12 -5.69
CB MSE A 351 -19.50 3.80 -5.02
CG MSE A 351 -18.71 4.95 -5.59
SE MSE A 351 -18.49 6.35 -4.33
CE MSE A 351 -16.98 5.67 -3.34
N ALA A 352 -19.64 0.98 -4.52
CA ALA A 352 -19.99 -0.21 -3.78
C ALA A 352 -18.86 -0.53 -2.83
N PHE A 353 -19.18 -0.68 -1.55
CA PHE A 353 -18.18 -1.03 -0.56
C PHE A 353 -18.36 -2.51 -0.19
N ALA A 354 -17.60 -3.00 0.78
CA ALA A 354 -17.66 -4.40 1.20
C ALA A 354 -19.06 -4.95 1.39
N ALA A 355 -19.87 -4.23 2.18
CA ALA A 355 -21.24 -4.65 2.45
C ALA A 355 -22.00 -4.82 1.14
N GLN A 356 -21.83 -3.86 0.23
CA GLN A 356 -22.53 -3.93 -1.05
C GLN A 356 -21.99 -5.06 -1.92
N LYS A 357 -20.71 -5.37 -1.78
CA LYS A 357 -20.08 -6.42 -2.57
C LYS A 357 -20.56 -7.83 -2.18
N VAL A 358 -20.97 -7.99 -0.93
CA VAL A 358 -21.49 -9.27 -0.47
C VAL A 358 -22.86 -9.46 -1.14
N VAL A 359 -23.60 -8.38 -1.30
CA VAL A 359 -24.90 -8.43 -1.95
C VAL A 359 -24.73 -8.77 -3.42
N GLU A 360 -23.72 -8.16 -4.04
CA GLU A 360 -23.41 -8.38 -5.45
C GLU A 360 -23.09 -9.84 -5.76
N VAL A 361 -22.15 -10.42 -4.99
CA VAL A 361 -21.78 -11.82 -5.16
C VAL A 361 -23.03 -12.69 -5.08
N ASN A 362 -23.90 -12.37 -4.14
CA ASN A 362 -25.13 -13.11 -3.96
C ASN A 362 -26.13 -12.90 -5.09
N ALA A 363 -26.21 -11.67 -5.61
CA ALA A 363 -27.14 -11.41 -6.71
C ALA A 363 -26.68 -12.22 -7.91
N LEU A 364 -25.37 -12.28 -8.12
CA LEU A 364 -24.81 -13.04 -9.23
C LEU A 364 -25.09 -14.52 -9.02
N ALA A 365 -24.90 -14.99 -7.80
CA ALA A 365 -25.14 -16.40 -7.51
C ALA A 365 -26.61 -16.79 -7.75
N LYS A 366 -27.54 -15.93 -7.36
CA LYS A 366 -28.95 -16.23 -7.56
C LYS A 366 -29.27 -16.19 -9.04
N ALA A 367 -28.71 -15.21 -9.75
CA ALA A 367 -28.96 -15.08 -11.18
C ALA A 367 -28.52 -16.35 -11.91
N LEU A 368 -27.40 -16.92 -11.49
CA LEU A 368 -26.89 -18.15 -12.09
C LEU A 368 -27.78 -19.35 -11.76
N ALA A 369 -28.47 -19.28 -10.63
CA ALA A 369 -29.34 -20.36 -10.20
C ALA A 369 -30.74 -20.26 -10.79
N GLY A 370 -30.99 -19.23 -11.59
CA GLY A 370 -32.30 -19.07 -12.20
C GLY A 370 -33.27 -18.21 -11.42
N GLN A 371 -32.84 -17.66 -10.29
CA GLN A 371 -33.69 -16.81 -9.49
C GLN A 371 -33.15 -15.38 -9.55
N LYS A 372 -32.93 -14.90 -10.77
CA LYS A 372 -32.42 -13.55 -11.00
C LYS A 372 -33.32 -12.43 -10.49
N ASP A 373 -32.78 -11.58 -9.62
CA ASP A 373 -33.56 -10.45 -9.10
C ASP A 373 -33.51 -9.35 -10.16
N GLU A 374 -34.52 -9.36 -11.04
CA GLU A 374 -34.60 -8.40 -12.12
C GLU A 374 -34.52 -6.96 -11.66
N ALA A 375 -34.87 -6.69 -10.40
CA ALA A 375 -34.81 -5.32 -9.90
C ALA A 375 -33.37 -4.87 -9.60
N LEU A 376 -32.50 -5.80 -9.23
CA LEU A 376 -31.12 -5.45 -8.93
C LEU A 376 -30.32 -5.20 -10.20
N PHE A 377 -30.43 -6.12 -11.15
CA PHE A 377 -29.72 -6.00 -12.42
C PHE A 377 -30.12 -4.75 -13.21
N SER A 378 -31.38 -4.35 -13.07
CA SER A 378 -31.88 -3.17 -13.77
C SER A 378 -31.30 -1.90 -13.16
N ALA A 379 -31.27 -1.83 -11.84
CA ALA A 379 -30.72 -0.67 -11.16
C ALA A 379 -29.23 -0.56 -11.48
N ASN A 380 -28.58 -1.71 -11.59
CA ASN A 380 -27.16 -1.75 -11.90
C ASN A 380 -26.88 -1.32 -13.33
N ALA A 381 -27.68 -1.82 -14.26
CA ALA A 381 -27.52 -1.46 -15.67
C ALA A 381 -27.66 0.06 -15.82
N ALA A 382 -28.63 0.64 -15.12
CA ALA A 382 -28.87 2.08 -15.18
C ALA A 382 -27.68 2.86 -14.62
N ALA A 383 -27.17 2.42 -13.48
CA ALA A 383 -26.04 3.08 -12.86
C ALA A 383 -24.83 3.04 -13.76
N LEU A 384 -24.51 1.87 -14.29
CA LEU A 384 -23.36 1.73 -15.17
C LEU A 384 -23.50 2.65 -16.39
N ALA A 385 -24.73 2.77 -16.89
CA ALA A 385 -25.01 3.61 -18.05
C ALA A 385 -24.79 5.09 -17.74
N SER A 386 -25.42 5.57 -16.68
CA SER A 386 -25.26 6.98 -16.32
C SER A 386 -23.79 7.33 -16.14
N ARG A 387 -23.03 6.39 -15.56
CA ARG A 387 -21.60 6.63 -15.34
C ARG A 387 -20.88 6.71 -16.68
N ARG A 388 -21.18 5.78 -17.57
CA ARG A 388 -20.54 5.74 -18.87
C ARG A 388 -20.95 6.87 -19.81
N SER A 389 -21.90 7.69 -19.40
CA SER A 389 -22.34 8.78 -20.24
C SER A 389 -22.27 10.12 -19.55
N SER A 390 -21.92 10.12 -18.26
CA SER A 390 -21.84 11.35 -17.51
C SER A 390 -20.68 12.24 -17.95
N PRO A 391 -20.93 13.56 -18.06
CA PRO A 391 -19.88 14.48 -18.47
C PRO A 391 -18.87 14.71 -17.35
N ARG A 392 -19.27 14.40 -16.11
CA ARG A 392 -18.38 14.55 -14.95
C ARG A 392 -17.21 13.59 -15.14
N VAL A 393 -17.49 12.46 -15.76
CA VAL A 393 -16.48 11.44 -15.99
C VAL A 393 -15.56 11.80 -17.16
N THR A 394 -16.15 12.07 -18.32
CA THR A 394 -15.36 12.41 -19.50
C THR A 394 -15.31 13.90 -19.77
N ASN A 395 -14.14 14.39 -20.14
CA ASN A 395 -13.95 15.81 -20.42
C ASN A 395 -12.93 16.03 -21.53
N GLU A 396 -12.90 17.25 -22.07
CA GLU A 396 -11.96 17.62 -23.13
C GLU A 396 -10.51 17.45 -22.70
N GLY A 397 -10.31 16.82 -21.54
CA GLY A 397 -8.97 16.55 -21.05
C GLY A 397 -8.45 15.52 -22.03
N VAL A 398 -9.38 14.87 -22.73
CA VAL A 398 -9.03 13.87 -23.73
C VAL A 398 -8.24 14.53 -24.85
N GLN A 399 -8.51 15.82 -25.06
CA GLN A 399 -7.83 16.59 -26.09
C GLN A 399 -6.34 16.62 -25.74
N LYS A 400 -6.03 17.23 -24.59
CA LYS A 400 -4.66 17.32 -24.12
C LYS A 400 -4.04 15.93 -23.98
N ALA A 401 -4.82 14.98 -23.45
CA ALA A 401 -4.35 13.61 -23.27
C ALA A 401 -3.72 13.11 -24.56
N ALA A 402 -4.49 13.14 -25.64
CA ALA A 402 -4.00 12.70 -26.94
C ALA A 402 -3.09 13.80 -27.45
N ALA A 403 -1.78 13.56 -27.32
CA ALA A 403 -0.75 14.52 -27.72
C ALA A 403 0.51 14.03 -27.03
N ALA A 404 0.33 13.47 -25.83
CA ALA A 404 1.44 12.96 -25.06
C ALA A 404 2.06 11.80 -25.84
N LEU A 405 1.38 11.35 -26.89
CA LEU A 405 1.90 10.27 -27.71
C LEU A 405 3.09 10.81 -28.49
N LYS A 406 3.23 12.14 -28.48
CA LYS A 406 4.32 12.83 -29.14
C LYS A 406 5.64 12.41 -28.49
N GLY A 407 5.98 11.14 -28.67
CA GLY A 407 7.21 10.60 -28.10
C GLY A 407 7.37 10.93 -26.62
N SER A 408 8.58 10.70 -26.11
CA SER A 408 8.89 10.98 -24.71
C SER A 408 8.64 12.44 -24.37
N ASP A 409 9.06 12.83 -23.17
CA ASP A 409 8.91 14.20 -22.72
C ASP A 409 10.11 14.64 -21.89
N HIS A 410 11.31 14.49 -22.43
CA HIS A 410 12.53 14.91 -21.74
C HIS A 410 12.55 16.43 -21.66
N ARG A 411 13.17 16.97 -20.61
CA ARG A 411 13.27 18.41 -20.49
C ARG A 411 14.16 18.83 -21.64
N ARG A 412 13.84 19.97 -22.24
CA ARG A 412 14.60 20.50 -23.38
C ARG A 412 16.05 20.05 -23.40
N ALA A 413 16.29 18.93 -24.09
CA ALA A 413 17.61 18.33 -24.24
C ALA A 413 18.56 18.67 -23.10
N THR A 414 19.14 19.87 -23.15
CA THR A 414 20.09 20.34 -22.14
C THR A 414 20.37 19.28 -21.09
N ASN A 415 21.48 18.56 -21.23
CA ASN A 415 21.81 17.54 -20.25
C ASN A 415 21.71 18.17 -18.87
N VAL A 416 21.40 17.34 -17.88
CA VAL A 416 21.24 17.82 -16.52
C VAL A 416 22.48 18.55 -16.00
N SER A 417 23.68 18.10 -16.38
CA SER A 417 24.91 18.74 -15.91
C SER A 417 25.04 20.21 -16.33
N ALA A 418 24.67 20.51 -17.58
CA ALA A 418 24.74 21.88 -18.08
C ALA A 418 23.58 22.67 -17.47
N ARG A 419 22.44 22.01 -17.35
CA ARG A 419 21.24 22.61 -16.77
C ARG A 419 21.54 23.04 -15.32
N LEU A 420 22.33 22.22 -14.62
CA LEU A 420 22.70 22.52 -13.25
C LEU A 420 23.53 23.80 -13.21
N ASP A 421 24.31 24.05 -14.26
CA ASP A 421 25.15 25.24 -14.33
C ASP A 421 24.33 26.52 -14.31
N ALA A 422 23.30 26.56 -15.15
CA ALA A 422 22.43 27.73 -15.26
C ALA A 422 21.69 28.00 -13.96
N GLN A 423 21.32 26.93 -13.27
CA GLN A 423 20.60 27.03 -12.01
C GLN A 423 21.53 27.61 -10.94
N GLN A 424 22.78 27.15 -10.93
CA GLN A 424 23.76 27.63 -9.97
C GLN A 424 24.03 29.12 -10.22
N LYS A 425 23.80 29.56 -11.45
CA LYS A 425 24.01 30.97 -11.78
C LYS A 425 22.98 31.77 -11.00
N LYS A 426 21.74 31.30 -11.00
CA LYS A 426 20.65 31.96 -10.29
C LYS A 426 20.69 31.72 -8.77
N LEU A 427 21.22 30.56 -8.37
CA LEU A 427 21.31 30.20 -6.95
C LEU A 427 22.78 30.10 -6.53
N ASN A 428 23.38 31.20 -6.09
CA ASN A 428 24.78 31.18 -5.70
C ASN A 428 25.00 30.30 -4.46
N LEU A 429 24.66 29.02 -4.57
CA LEU A 429 24.80 28.08 -3.47
C LEU A 429 26.22 27.60 -3.23
N PRO A 430 26.55 27.29 -1.97
CA PRO A 430 27.89 26.80 -1.59
C PRO A 430 27.99 25.31 -1.84
N ILE A 431 29.13 24.73 -1.50
CA ILE A 431 29.33 23.31 -1.66
C ILE A 431 28.50 22.68 -0.54
N LEU A 432 27.96 21.48 -0.76
CA LEU A 432 27.15 20.80 0.25
C LEU A 432 26.05 21.70 0.79
N PRO A 433 25.16 22.20 -0.08
CA PRO A 433 24.08 23.06 0.40
C PRO A 433 23.14 22.32 1.35
N THR A 434 22.39 23.08 2.14
CA THR A 434 21.46 22.48 3.10
C THR A 434 20.02 22.82 2.74
N THR A 435 19.10 21.94 3.14
CA THR A 435 17.68 22.14 2.86
C THR A 435 16.90 21.02 3.55
N THR A 436 15.58 21.18 3.63
CA THR A 436 14.75 20.14 4.23
C THR A 436 13.79 19.57 3.19
N ILE A 437 12.98 18.60 3.60
CA ILE A 437 12.06 17.95 2.68
C ILE A 437 10.66 18.56 2.53
N GLY A 438 10.25 19.43 3.44
CA GLY A 438 8.94 20.04 3.28
C GLY A 438 8.18 20.51 4.51
N SER A 439 7.56 19.58 5.21
CA SER A 439 6.79 19.91 6.39
C SER A 439 7.60 20.18 7.64
N PHE A 440 7.02 20.97 8.53
CA PHE A 440 7.62 21.32 9.83
C PHE A 440 6.60 21.01 10.92
N PRO A 441 7.08 20.74 12.14
CA PRO A 441 6.18 20.43 13.27
C PRO A 441 4.99 21.37 13.33
N GLN A 442 3.79 20.80 13.40
CA GLN A 442 2.57 21.60 13.45
C GLN A 442 2.29 22.08 14.87
N THR A 443 2.33 23.39 15.08
CA THR A 443 2.08 23.98 16.39
C THR A 443 0.60 23.93 16.77
N VAL A 444 0.19 24.85 17.66
CA VAL A 444 -1.18 24.95 18.14
C VAL A 444 -2.29 24.63 17.12
N GLU A 445 -2.41 25.46 16.09
CA GLU A 445 -3.42 25.27 15.03
C GLU A 445 -4.86 25.19 15.54
N LEU A 446 -5.80 25.57 14.66
CA LEU A 446 -7.22 25.57 14.99
C LEU A 446 -8.04 24.91 13.88
N ARG A 447 -9.34 24.79 14.12
CA ARG A 447 -10.28 24.22 13.16
C ARG A 447 -11.40 25.21 12.86
N GLU A 461 -9.50 36.26 9.98
CA GLU A 461 -9.61 35.18 9.01
C GLU A 461 -8.54 34.12 9.20
N ASP A 462 -8.60 33.07 8.38
CA ASP A 462 -7.65 31.97 8.43
C ASP A 462 -6.37 32.28 7.66
N TYR A 463 -6.51 32.96 6.52
CA TYR A 463 -5.36 33.34 5.71
C TYR A 463 -4.22 33.90 6.58
N VAL A 464 -4.57 34.85 7.44
CA VAL A 464 -3.60 35.50 8.33
C VAL A 464 -3.01 34.54 9.36
N LYS A 465 -3.85 33.64 9.86
CA LYS A 465 -3.40 32.67 10.85
C LYS A 465 -2.33 31.76 10.24
N ALA A 466 -2.47 31.43 8.96
CA ALA A 466 -1.52 30.57 8.28
C ALA A 466 -0.22 31.30 7.96
N ILE A 467 -0.31 32.59 7.61
CA ILE A 467 0.86 33.39 7.30
C ILE A 467 1.82 33.40 8.48
N LYS A 468 1.30 33.74 9.66
CA LYS A 468 2.09 33.80 10.88
C LYS A 468 2.92 32.53 11.08
N GLU A 469 2.32 31.37 10.82
CA GLU A 469 3.03 30.12 11.00
C GLU A 469 4.16 29.93 10.00
N GLU A 470 3.99 30.46 8.79
CA GLU A 470 5.01 30.34 7.76
C GLU A 470 6.19 31.28 8.02
N ILE A 471 5.88 32.54 8.30
CA ILE A 471 6.93 33.51 8.58
C ILE A 471 7.79 32.99 9.73
N LYS A 472 7.16 32.26 10.64
CA LYS A 472 7.84 31.69 11.80
C LYS A 472 8.76 30.55 11.39
N LYS A 473 8.37 29.84 10.34
CA LYS A 473 9.17 28.73 9.84
C LYS A 473 10.28 29.31 8.95
N VAL A 474 9.95 30.37 8.24
CA VAL A 474 10.93 31.04 7.37
C VAL A 474 11.95 31.76 8.26
N VAL A 475 11.45 32.52 9.23
CA VAL A 475 12.31 33.25 10.15
C VAL A 475 13.16 32.23 10.93
N ASP A 476 12.60 31.05 11.14
CA ASP A 476 13.33 29.98 11.83
C ASP A 476 14.40 29.46 10.87
N LEU A 477 13.97 29.01 9.70
CA LEU A 477 14.91 28.48 8.70
C LEU A 477 16.13 29.41 8.52
N GLN A 478 15.87 30.71 8.39
CA GLN A 478 16.96 31.69 8.19
C GLN A 478 17.92 31.73 9.37
N GLU A 479 17.41 32.04 10.55
CA GLU A 479 18.26 32.11 11.74
C GLU A 479 18.79 30.71 12.00
N GLU A 480 17.94 29.74 11.72
CA GLU A 480 18.29 28.36 11.93
C GLU A 480 19.34 27.91 10.95
N LEU A 481 20.58 27.88 11.42
CA LEU A 481 21.69 27.41 10.61
C LEU A 481 21.66 27.92 9.17
N ASP A 482 20.89 28.97 8.94
CA ASP A 482 20.78 29.52 7.60
C ASP A 482 19.98 28.57 6.70
N ILE A 483 20.48 27.36 6.50
CA ILE A 483 19.84 26.41 5.60
C ILE A 483 19.82 27.14 4.26
N ASP A 484 20.59 26.64 3.32
CA ASP A 484 20.71 27.26 2.01
C ASP A 484 19.44 27.37 1.16
N VAL A 485 18.56 26.38 1.25
CA VAL A 485 17.30 26.40 0.49
C VAL A 485 16.15 26.19 1.46
N LEU A 486 15.19 27.11 1.46
CA LEU A 486 14.06 27.01 2.40
C LEU A 486 12.76 26.42 1.87
N VAL A 487 11.90 26.05 2.81
CA VAL A 487 10.59 25.46 2.53
C VAL A 487 9.58 26.27 3.35
N HIS A 488 8.29 26.13 3.09
CA HIS A 488 7.31 26.90 3.85
C HIS A 488 6.65 26.13 4.99
N GLY A 489 7.01 24.85 5.13
CA GLY A 489 6.45 24.05 6.20
C GLY A 489 5.11 23.39 5.93
N GLU A 490 4.47 23.77 4.83
CA GLU A 490 3.16 23.21 4.45
C GLU A 490 2.11 23.31 5.55
N PRO A 491 2.13 24.37 6.36
CA PRO A 491 1.12 24.47 7.41
C PRO A 491 -0.33 24.48 6.92
N GLU A 492 -0.53 24.80 5.65
CA GLU A 492 -1.89 24.84 5.10
C GLU A 492 -2.36 23.54 4.48
N ARG A 493 -1.57 22.47 4.65
CA ARG A 493 -1.91 21.17 4.07
C ARG A 493 -2.11 20.10 5.14
N ASN A 494 -3.20 19.34 5.03
CA ASN A 494 -3.51 18.27 5.98
C ASN A 494 -3.07 16.92 5.44
N ASP A 495 -3.07 16.76 4.13
CA ASP A 495 -2.66 15.49 3.51
C ASP A 495 -1.98 15.71 2.16
N MSE A 496 -0.86 15.04 1.94
CA MSE A 496 -0.10 15.11 0.69
C MSE A 496 -0.96 15.04 -0.55
O MSE A 496 -0.82 15.84 -1.47
CB MSE A 496 0.86 13.93 0.59
CG MSE A 496 2.22 14.10 1.17
SE MSE A 496 3.12 12.45 0.76
CE MSE A 496 3.88 12.87 -0.97
N VAL A 497 -1.83 14.03 -0.59
CA VAL A 497 -2.70 13.80 -1.72
C VAL A 497 -4.00 14.57 -1.70
N GLU A 498 -4.76 14.48 -0.60
CA GLU A 498 -6.02 15.19 -0.51
C GLU A 498 -5.90 16.68 -0.78
N TYR A 499 -4.84 17.30 -0.28
CA TYR A 499 -4.66 18.72 -0.48
C TYR A 499 -4.80 19.10 -1.94
N PHE A 500 -4.27 18.26 -2.82
CA PHE A 500 -4.33 18.51 -4.26
C PHE A 500 -5.60 17.94 -4.90
N GLY A 501 -6.09 16.83 -4.37
CA GLY A 501 -7.29 16.22 -4.92
C GLY A 501 -8.49 17.12 -4.79
N GLU A 502 -8.56 17.86 -3.68
CA GLU A 502 -9.68 18.76 -3.44
C GLU A 502 -9.71 19.90 -4.44
N GLN A 503 -8.60 20.08 -5.16
CA GLN A 503 -8.50 21.15 -6.15
C GLN A 503 -8.33 20.60 -7.55
N LEU A 504 -8.72 19.35 -7.76
CA LEU A 504 -8.63 18.72 -9.07
C LEU A 504 -10.01 18.30 -9.54
N SER A 505 -10.15 18.05 -10.83
CA SER A 505 -11.42 17.70 -11.44
C SER A 505 -12.04 16.34 -11.13
N GLY A 506 -11.49 15.26 -11.68
CA GLY A 506 -12.07 13.95 -11.45
C GLY A 506 -12.01 13.33 -10.06
N PHE A 507 -11.95 14.14 -9.01
CA PHE A 507 -11.86 13.61 -7.65
C PHE A 507 -13.15 13.76 -6.86
N ALA A 508 -13.31 12.87 -5.89
CA ALA A 508 -14.45 12.88 -5.01
C ALA A 508 -13.92 12.37 -3.68
N PHE A 509 -14.43 12.90 -2.58
CA PHE A 509 -13.94 12.43 -1.30
C PHE A 509 -15.03 11.79 -0.48
N THR A 510 -14.65 10.67 0.12
CA THR A 510 -15.51 9.84 0.95
C THR A 510 -15.56 10.39 2.36
N ALA A 511 -16.61 10.06 3.10
CA ALA A 511 -16.76 10.50 4.48
C ALA A 511 -16.31 9.45 5.49
N ASN A 512 -16.61 8.18 5.21
CA ASN A 512 -16.24 7.07 6.12
C ASN A 512 -15.65 5.84 5.44
N GLY A 513 -15.06 6.00 4.25
CA GLY A 513 -14.48 4.87 3.56
C GLY A 513 -13.05 4.60 3.96
N TRP A 514 -12.87 4.17 5.20
CA TRP A 514 -11.55 3.86 5.69
C TRP A 514 -11.11 2.45 5.30
N VAL A 515 -9.81 2.26 5.14
CA VAL A 515 -9.26 0.96 4.79
C VAL A 515 -8.14 0.70 5.76
N GLN A 516 -7.98 -0.55 6.19
CA GLN A 516 -6.92 -0.83 7.13
C GLN A 516 -5.57 -0.78 6.42
N SER A 517 -4.65 -0.02 7.01
CA SER A 517 -3.31 0.11 6.46
C SER A 517 -2.40 -0.87 7.18
N TYR A 518 -2.59 -0.98 8.49
CA TYR A 518 -1.84 -1.91 9.35
C TYR A 518 -2.22 -1.65 10.81
N GLY A 519 -2.11 -2.68 11.64
CA GLY A 519 -2.45 -2.52 13.05
C GLY A 519 -3.71 -1.73 13.28
N SER A 520 -3.60 -0.55 13.87
CA SER A 520 -4.79 0.25 14.12
C SER A 520 -4.92 1.40 13.13
N ARG A 521 -3.85 1.70 12.39
CA ARG A 521 -3.87 2.79 11.43
C ARG A 521 -4.70 2.49 10.17
N CYS A 522 -5.58 3.41 9.82
CA CYS A 522 -6.40 3.29 8.63
C CYS A 522 -6.12 4.50 7.76
N VAL A 523 -6.57 4.45 6.51
CA VAL A 523 -6.38 5.56 5.59
C VAL A 523 -7.68 5.69 4.83
N LYS A 524 -8.04 6.93 4.47
CA LYS A 524 -9.26 7.12 3.70
C LYS A 524 -8.85 7.71 2.36
N PRO A 525 -8.60 6.83 1.38
CA PRO A 525 -8.19 7.15 0.01
C PRO A 525 -9.19 8.00 -0.77
N PRO A 526 -8.69 9.00 -1.50
CA PRO A 526 -9.56 9.87 -2.31
C PRO A 526 -10.04 9.04 -3.49
N VAL A 527 -11.15 9.42 -4.11
CA VAL A 527 -11.66 8.69 -5.25
C VAL A 527 -11.56 9.49 -6.55
N ILE A 528 -10.91 8.88 -7.54
CA ILE A 528 -10.77 9.50 -8.85
C ILE A 528 -11.78 8.80 -9.75
N TYR A 529 -12.90 9.47 -9.99
CA TYR A 529 -13.97 8.91 -10.80
C TYR A 529 -13.97 9.37 -12.25
N GLY A 530 -13.38 10.53 -12.53
CA GLY A 530 -13.35 11.03 -13.89
C GLY A 530 -12.08 11.72 -14.33
N ASP A 531 -12.11 12.25 -15.57
CA ASP A 531 -10.97 12.94 -16.15
C ASP A 531 -10.52 14.08 -15.25
N VAL A 532 -9.22 14.11 -14.95
CA VAL A 532 -8.65 15.12 -14.08
C VAL A 532 -8.02 16.30 -14.82
N SER A 533 -8.17 17.48 -14.23
CA SER A 533 -7.62 18.72 -14.78
C SER A 533 -7.56 19.77 -13.68
N ARG A 534 -6.55 20.63 -13.74
CA ARG A 534 -6.40 21.67 -12.72
C ARG A 534 -7.08 22.95 -13.18
N PRO A 535 -8.22 23.29 -12.57
CA PRO A 535 -8.97 24.50 -12.92
C PRO A 535 -8.29 25.82 -12.52
N LYS A 536 -7.71 25.86 -11.32
CA LYS A 536 -7.06 27.07 -10.84
C LYS A 536 -5.71 26.78 -10.17
N ALA A 537 -4.96 27.84 -9.86
CA ALA A 537 -3.67 27.68 -9.21
C ALA A 537 -3.96 27.05 -7.85
N MSE A 538 -3.05 26.22 -7.36
CA MSE A 538 -3.25 25.55 -6.09
C MSE A 538 -2.23 25.96 -5.04
O MSE A 538 -2.57 26.23 -3.89
CB MSE A 538 -3.18 24.04 -6.28
CG MSE A 538 -3.92 23.51 -7.51
SE MSE A 538 -3.95 21.57 -7.69
CE MSE A 538 -2.14 21.25 -8.29
N THR A 539 -0.97 26.03 -5.46
CA THR A 539 0.14 26.34 -4.57
C THR A 539 0.81 27.70 -4.74
N VAL A 540 0.62 28.31 -5.90
CA VAL A 540 1.25 29.60 -6.21
C VAL A 540 1.04 30.68 -5.14
N PHE A 541 -0.17 30.80 -4.61
CA PHE A 541 -0.44 31.80 -3.59
C PHE A 541 0.49 31.66 -2.39
N TRP A 542 0.43 30.50 -1.74
CA TRP A 542 1.25 30.25 -0.57
C TRP A 542 2.75 30.27 -0.83
N SER A 543 3.18 29.69 -1.95
CA SER A 543 4.60 29.66 -2.27
C SER A 543 5.15 31.05 -2.59
N ALA A 544 4.36 31.85 -3.32
CA ALA A 544 4.76 33.20 -3.66
C ALA A 544 4.89 34.03 -2.39
N MSE A 545 3.97 33.79 -1.45
CA MSE A 545 3.97 34.51 -0.18
C MSE A 545 5.20 34.12 0.65
O MSE A 545 5.83 34.97 1.27
CB MSE A 545 2.71 34.17 0.59
CG MSE A 545 2.65 34.76 1.98
SE MSE A 545 1.21 33.99 2.99
CE MSE A 545 -0.25 35.04 2.28
N ALA A 546 5.54 32.83 0.67
CA ALA A 546 6.70 32.37 1.43
C ALA A 546 7.96 32.94 0.79
N GLN A 547 8.03 32.90 -0.54
CA GLN A 547 9.17 33.42 -1.27
C GLN A 547 8.99 34.92 -1.44
N SER A 548 9.22 35.64 -0.35
CA SER A 548 9.08 37.08 -0.34
C SER A 548 9.48 37.51 1.05
N MSE A 549 9.35 36.57 1.99
CA MSE A 549 9.71 36.82 3.38
C MSE A 549 11.20 36.54 3.55
O MSE A 549 11.75 36.73 4.64
CB MSE A 549 8.94 35.88 4.31
CG MSE A 549 7.46 35.74 4.00
SE MSE A 549 6.64 34.58 5.31
CE MSE A 549 5.22 35.75 5.90
N THR A 550 11.84 36.10 2.49
CA THR A 550 13.27 35.80 2.55
C THR A 550 13.98 36.04 1.22
N SER A 551 15.28 36.27 1.30
CA SER A 551 16.07 36.49 0.10
C SER A 551 16.69 35.15 -0.27
N ARG A 552 16.44 34.13 0.56
CA ARG A 552 16.97 32.80 0.31
C ARG A 552 16.03 32.09 -0.65
N PRO A 553 16.54 31.09 -1.39
CA PRO A 553 15.73 30.34 -2.35
C PRO A 553 14.58 29.57 -1.66
N MSE A 554 13.36 29.78 -2.14
CA MSE A 554 12.18 29.10 -1.61
C MSE A 554 11.73 28.05 -2.61
O MSE A 554 11.50 28.36 -3.77
CB MSE A 554 11.03 30.10 -1.41
CG MSE A 554 10.66 30.34 0.05
SE MSE A 554 9.93 28.79 0.93
CE MSE A 554 8.47 28.54 -0.25
N LYS A 555 11.61 26.80 -2.18
CA LYS A 555 11.18 25.77 -3.11
C LYS A 555 9.68 25.49 -3.09
N GLY A 556 9.16 25.13 -4.25
CA GLY A 556 7.73 24.82 -4.36
C GLY A 556 7.49 23.39 -3.91
N MSE A 557 6.25 23.08 -3.54
CA MSE A 557 5.94 21.75 -3.07
C MSE A 557 4.75 21.09 -3.75
O MSE A 557 3.60 21.52 -3.58
CB MSE A 557 5.72 21.78 -1.55
CG MSE A 557 7.00 21.71 -0.75
SE MSE A 557 7.87 20.01 -0.99
CE MSE A 557 6.32 18.92 -0.87
N LEU A 558 5.03 20.03 -4.50
CA LEU A 558 3.99 19.30 -5.20
C LEU A 558 4.19 17.79 -5.03
N THR A 559 3.08 17.05 -5.14
CA THR A 559 3.10 15.62 -5.03
C THR A 559 3.03 15.05 -6.44
N GLY A 560 3.97 14.17 -6.78
CA GLY A 560 4.00 13.56 -8.09
C GLY A 560 2.67 12.95 -8.52
N PRO A 561 2.46 12.72 -9.83
CA PRO A 561 1.20 12.14 -10.29
C PRO A 561 1.08 10.68 -9.88
N VAL A 562 2.21 9.99 -9.81
CA VAL A 562 2.24 8.57 -9.43
C VAL A 562 1.74 8.35 -8.00
N THR A 563 2.21 9.18 -7.08
CA THR A 563 1.83 9.07 -5.68
C THR A 563 0.34 9.34 -5.52
N ILE A 564 -0.17 10.37 -6.19
CA ILE A 564 -1.58 10.69 -6.11
C ILE A 564 -2.38 9.50 -6.64
N LEU A 565 -1.91 8.90 -7.73
CA LEU A 565 -2.58 7.75 -8.32
C LEU A 565 -2.57 6.54 -7.37
N ASN A 566 -1.38 6.14 -6.92
CA ASN A 566 -1.28 4.98 -6.05
C ASN A 566 -2.09 5.05 -4.76
N TRP A 567 -2.15 6.22 -4.12
CA TRP A 567 -2.89 6.35 -2.86
C TRP A 567 -4.32 6.84 -3.00
N SER A 568 -4.95 6.48 -4.11
CA SER A 568 -6.33 6.83 -4.42
C SER A 568 -7.06 5.60 -4.94
N PHE A 569 -8.38 5.56 -4.75
CA PHE A 569 -9.17 4.47 -5.30
C PHE A 569 -9.36 4.95 -6.74
N VAL A 570 -8.56 4.42 -7.66
CA VAL A 570 -8.60 4.85 -9.04
C VAL A 570 -9.69 4.17 -9.87
N ARG A 571 -10.32 4.95 -10.74
CA ARG A 571 -11.38 4.47 -11.62
C ARG A 571 -10.93 3.28 -12.46
N ASN A 572 -11.81 2.30 -12.58
CA ASN A 572 -11.52 1.07 -13.31
C ASN A 572 -12.10 1.00 -14.72
N ASP A 573 -12.32 2.14 -15.36
CA ASP A 573 -12.87 2.15 -16.70
C ASP A 573 -11.82 2.46 -17.78
N GLN A 574 -10.59 2.65 -17.35
CA GLN A 574 -9.49 2.95 -18.27
C GLN A 574 -8.18 2.57 -17.59
N PRO A 575 -7.14 2.29 -18.39
CA PRO A 575 -5.84 1.91 -17.85
C PRO A 575 -5.34 2.94 -16.85
N ARG A 576 -4.58 2.46 -15.86
CA ARG A 576 -4.03 3.32 -14.82
C ARG A 576 -3.13 4.41 -15.41
N HIS A 577 -2.20 4.03 -16.30
CA HIS A 577 -1.30 5.01 -16.90
C HIS A 577 -2.08 6.11 -17.60
N GLU A 578 -3.17 5.74 -18.27
CA GLU A 578 -3.98 6.74 -18.93
C GLU A 578 -4.38 7.79 -17.89
N THR A 579 -4.82 7.31 -16.73
CA THR A 579 -5.22 8.22 -15.65
C THR A 579 -4.02 8.99 -15.11
N CYS A 580 -2.92 8.28 -14.90
CA CYS A 580 -1.73 8.93 -14.37
C CYS A 580 -1.27 10.11 -15.23
N TYR A 581 -1.42 10.01 -16.55
CA TYR A 581 -1.03 11.12 -17.42
C TYR A 581 -1.94 12.33 -17.23
N GLN A 582 -3.23 12.09 -17.03
CA GLN A 582 -4.14 13.21 -16.82
C GLN A 582 -3.70 13.96 -15.58
N ILE A 583 -3.22 13.23 -14.58
CA ILE A 583 -2.77 13.83 -13.33
C ILE A 583 -1.49 14.62 -13.62
N ALA A 584 -0.59 14.01 -14.37
CA ALA A 584 0.67 14.64 -14.72
C ALA A 584 0.41 15.94 -15.45
N LEU A 585 -0.54 15.92 -16.37
CA LEU A 585 -0.88 17.10 -17.15
C LEU A 585 -1.31 18.24 -16.27
N ALA A 586 -2.15 17.94 -15.29
CA ALA A 586 -2.65 18.97 -14.39
C ALA A 586 -1.52 19.54 -13.52
N ILE A 587 -0.62 18.68 -13.05
CA ILE A 587 0.48 19.14 -12.22
C ILE A 587 1.41 19.96 -13.09
N LYS A 588 1.50 19.57 -14.36
CA LYS A 588 2.37 20.26 -15.31
C LYS A 588 2.12 21.75 -15.28
N ASP A 589 0.84 22.13 -15.13
CA ASP A 589 0.46 23.54 -15.07
C ASP A 589 1.01 24.20 -13.83
N GLU A 590 0.67 23.66 -12.65
CA GLU A 590 1.13 24.22 -11.38
C GLU A 590 2.63 24.48 -11.37
N VAL A 591 3.41 23.56 -11.95
CA VAL A 591 4.85 23.75 -11.97
C VAL A 591 5.15 25.00 -12.77
N GLU A 592 4.59 25.08 -13.96
CA GLU A 592 4.82 26.23 -14.84
C GLU A 592 4.20 27.52 -14.29
N ASP A 593 3.24 27.39 -13.37
CA ASP A 593 2.61 28.55 -12.74
C ASP A 593 3.53 29.00 -11.61
N LEU A 594 4.17 28.04 -10.96
CA LEU A 594 5.10 28.35 -9.90
C LEU A 594 6.33 29.00 -10.54
N GLU A 595 6.66 28.57 -11.76
CA GLU A 595 7.81 29.13 -12.47
C GLU A 595 7.55 30.58 -12.85
N LYS A 596 6.35 30.87 -13.38
CA LYS A 596 6.00 32.23 -13.77
C LYS A 596 5.83 33.06 -12.51
N GLY A 597 5.52 32.39 -11.40
CA GLY A 597 5.32 33.08 -10.14
C GLY A 597 6.63 33.53 -9.54
N GLY A 598 7.73 32.95 -10.01
CA GLY A 598 9.03 33.34 -9.48
C GLY A 598 9.75 32.24 -8.75
N ILE A 599 9.00 31.21 -8.37
CA ILE A 599 9.62 30.09 -7.67
C ILE A 599 10.61 29.46 -8.65
N GLY A 600 11.89 29.58 -8.33
CA GLY A 600 12.93 29.04 -9.19
C GLY A 600 13.38 27.64 -8.85
N VAL A 601 12.89 27.12 -7.73
CA VAL A 601 13.20 25.78 -7.28
C VAL A 601 11.85 25.12 -6.94
N ILE A 602 11.55 24.03 -7.63
CA ILE A 602 10.29 23.33 -7.40
C ILE A 602 10.52 21.86 -7.05
N GLN A 603 10.02 21.46 -5.89
CA GLN A 603 10.16 20.08 -5.42
C GLN A 603 8.90 19.26 -5.70
N ILE A 604 9.10 18.09 -6.29
CA ILE A 604 8.01 17.18 -6.59
C ILE A 604 8.33 15.86 -5.90
N ASP A 605 7.60 15.53 -4.84
CA ASP A 605 7.90 14.27 -4.16
C ASP A 605 7.01 13.12 -4.60
N GLU A 606 7.66 12.01 -4.94
CA GLU A 606 6.97 10.80 -5.36
C GLU A 606 7.20 9.78 -4.26
N ALA A 607 6.55 10.04 -3.13
CA ALA A 607 6.65 9.21 -1.94
C ALA A 607 6.29 7.77 -2.21
N ALA A 608 5.43 7.54 -3.20
CA ALA A 608 4.98 6.20 -3.50
C ALA A 608 5.27 5.74 -4.93
N LEU A 609 6.43 6.10 -5.46
CA LEU A 609 6.78 5.73 -6.82
C LEU A 609 6.75 4.21 -7.04
N ARG A 610 7.26 3.47 -6.06
CA ARG A 610 7.34 2.02 -6.13
C ARG A 610 6.08 1.23 -5.71
N GLU A 611 5.10 1.90 -5.12
CA GLU A 611 3.89 1.23 -4.65
C GLU A 611 3.03 0.55 -5.69
N GLY A 612 3.11 0.98 -6.94
CA GLY A 612 2.31 0.36 -7.98
C GLY A 612 2.98 -0.73 -8.76
N LEU A 613 4.16 -1.17 -8.29
CA LEU A 613 4.89 -2.22 -8.99
C LEU A 613 4.05 -3.49 -9.09
N PRO A 614 3.88 -4.02 -10.31
CA PRO A 614 3.11 -5.25 -10.56
C PRO A 614 3.76 -6.46 -9.89
N LEU A 615 2.96 -7.50 -9.63
CA LEU A 615 3.52 -8.67 -8.99
C LEU A 615 4.31 -9.45 -10.03
N ARG A 616 3.78 -9.52 -11.24
CA ARG A 616 4.43 -10.22 -12.35
C ARG A 616 5.72 -9.46 -12.62
N LYS A 617 6.85 -10.14 -12.54
CA LYS A 617 8.13 -9.49 -12.75
C LYS A 617 8.26 -8.87 -14.14
N SER A 618 7.81 -9.60 -15.15
CA SER A 618 7.88 -9.12 -16.53
C SER A 618 6.98 -7.92 -16.83
N GLU A 619 6.14 -7.56 -15.87
CA GLU A 619 5.24 -6.42 -16.04
C GLU A 619 5.82 -5.18 -15.38
N HIS A 620 6.98 -5.33 -14.76
CA HIS A 620 7.65 -4.22 -14.09
C HIS A 620 8.05 -3.08 -15.01
N ALA A 621 8.92 -3.38 -15.97
CA ALA A 621 9.41 -2.37 -16.90
C ALA A 621 8.33 -1.43 -17.42
N PHE A 622 7.22 -2.00 -17.87
CA PHE A 622 6.09 -1.22 -18.40
C PHE A 622 5.58 -0.20 -17.38
N TYR A 623 5.42 -0.64 -16.14
CA TYR A 623 4.95 0.24 -15.07
C TYR A 623 5.92 1.38 -14.83
N LEU A 624 7.18 1.04 -14.59
CA LEU A 624 8.22 2.03 -14.33
C LEU A 624 8.32 3.03 -15.46
N ASP A 625 7.98 2.60 -16.66
CA ASP A 625 8.05 3.45 -17.83
C ASP A 625 7.04 4.59 -17.74
N TRP A 626 5.75 4.26 -17.65
CA TRP A 626 4.76 5.31 -17.57
C TRP A 626 4.80 6.09 -16.27
N ALA A 627 5.29 5.44 -15.21
CA ALA A 627 5.41 6.10 -13.92
C ALA A 627 6.41 7.25 -14.07
N VAL A 628 7.59 6.94 -14.58
CA VAL A 628 8.63 7.94 -14.78
C VAL A 628 8.21 8.98 -15.82
N HIS A 629 7.63 8.51 -16.92
CA HIS A 629 7.17 9.42 -17.95
C HIS A 629 6.25 10.45 -17.31
N SER A 630 5.25 9.97 -16.58
CA SER A 630 4.29 10.85 -15.90
C SER A 630 5.03 11.94 -15.14
N PHE A 631 6.11 11.55 -14.47
CA PHE A 631 6.90 12.50 -13.70
C PHE A 631 7.55 13.55 -14.59
N ARG A 632 8.17 13.11 -15.69
CA ARG A 632 8.81 14.04 -16.61
C ARG A 632 7.77 15.01 -17.14
N ILE A 633 6.67 14.47 -17.66
CA ILE A 633 5.59 15.27 -18.21
C ILE A 633 5.28 16.44 -17.29
N THR A 634 5.48 16.21 -16.01
CA THR A 634 5.23 17.22 -14.99
C THR A 634 6.01 18.52 -15.19
N ASN A 635 7.27 18.42 -15.61
CA ASN A 635 8.08 19.61 -15.79
C ASN A 635 8.93 19.66 -17.07
N CYS A 636 8.52 18.91 -18.10
CA CYS A 636 9.28 18.88 -19.35
C CYS A 636 9.38 20.26 -19.98
N GLY A 637 8.48 21.16 -19.60
CA GLY A 637 8.48 22.50 -20.18
C GLY A 637 8.95 23.63 -19.28
N VAL A 638 9.89 23.33 -18.39
CA VAL A 638 10.43 24.32 -17.46
C VAL A 638 11.74 24.91 -18.00
N GLN A 639 12.08 26.12 -17.58
CA GLN A 639 13.33 26.73 -18.04
C GLN A 639 14.53 25.95 -17.51
N ASP A 640 15.69 26.12 -18.14
CA ASP A 640 16.88 25.41 -17.71
C ASP A 640 17.46 25.97 -16.42
N SER A 641 17.05 27.17 -16.06
CA SER A 641 17.54 27.81 -14.84
C SER A 641 16.73 27.35 -13.63
N THR A 642 15.54 26.82 -13.90
CA THR A 642 14.64 26.33 -12.85
C THR A 642 15.02 24.95 -12.38
N GLN A 643 15.49 24.87 -11.13
CA GLN A 643 15.91 23.62 -10.55
C GLN A 643 14.71 22.82 -10.03
N ILE A 644 14.66 21.55 -10.41
CA ILE A 644 13.58 20.68 -10.01
C ILE A 644 14.03 19.50 -9.16
N HIS A 645 13.42 19.38 -7.99
CA HIS A 645 13.74 18.33 -7.02
C HIS A 645 12.66 17.26 -6.93
N THR A 646 13.06 16.02 -6.74
CA THR A 646 12.09 14.96 -6.55
C THR A 646 12.47 14.22 -5.28
N HIS A 647 11.51 14.05 -4.38
CA HIS A 647 11.76 13.35 -3.13
C HIS A 647 11.13 11.94 -3.15
N MSE A 648 11.86 10.95 -2.64
CA MSE A 648 11.34 9.57 -2.62
C MSE A 648 11.63 8.82 -1.32
O MSE A 648 12.78 8.54 -0.99
CB MSE A 648 11.90 8.78 -3.79
CG MSE A 648 11.48 9.33 -5.14
SE MSE A 648 12.38 8.49 -6.61
CE MSE A 648 14.08 9.39 -6.42
N CYS A 649 10.56 8.45 -0.62
CA CYS A 649 10.67 7.74 0.64
C CYS A 649 11.17 6.31 0.50
N TYR A 650 12.44 6.14 0.15
CA TYR A 650 13.03 4.80 -0.01
C TYR A 650 14.55 4.86 0.21
N SER A 651 15.14 3.71 0.50
CA SER A 651 16.58 3.65 0.72
C SER A 651 17.21 2.49 -0.05
N HIS A 652 16.41 1.84 -0.87
CA HIS A 652 16.86 0.72 -1.68
C HIS A 652 16.40 0.95 -3.13
N PHE A 653 17.34 1.24 -4.02
CA PHE A 653 17.00 1.49 -5.42
C PHE A 653 17.79 0.59 -6.35
N ASN A 654 18.56 -0.32 -5.79
CA ASN A 654 19.39 -1.20 -6.60
C ASN A 654 18.66 -1.89 -7.75
N ASP A 655 17.36 -2.12 -7.60
CA ASP A 655 16.60 -2.78 -8.65
C ASP A 655 15.55 -1.83 -9.25
N ILE A 656 15.92 -0.57 -9.39
CA ILE A 656 15.01 0.43 -9.92
C ILE A 656 15.84 1.70 -10.15
N ILE A 657 17.16 1.56 -10.02
CA ILE A 657 18.05 2.70 -10.18
C ILE A 657 17.90 3.36 -11.56
N HIS A 658 17.90 2.56 -12.64
CA HIS A 658 17.78 3.15 -13.96
C HIS A 658 16.53 3.98 -14.14
N SER A 659 15.47 3.64 -13.40
CA SER A 659 14.25 4.40 -13.52
C SER A 659 14.40 5.75 -12.85
N ILE A 660 15.15 5.80 -11.76
CA ILE A 660 15.34 7.07 -11.06
C ILE A 660 16.06 8.02 -12.02
N ILE A 661 17.03 7.48 -12.76
CA ILE A 661 17.79 8.26 -13.73
C ILE A 661 16.92 8.81 -14.85
N ASP A 662 16.10 7.95 -15.45
CA ASP A 662 15.18 8.34 -16.52
C ASP A 662 14.17 9.38 -16.04
N MSE A 663 14.12 9.65 -14.74
CA MSE A 663 13.22 10.68 -14.23
C MSE A 663 13.82 12.03 -14.63
O MSE A 663 13.12 12.99 -14.91
CB MSE A 663 13.11 10.59 -12.70
CG MSE A 663 12.18 9.49 -12.17
SE MSE A 663 12.22 9.42 -10.21
CE MSE A 663 10.85 10.72 -9.82
N ASP A 664 15.16 12.06 -14.65
CA ASP A 664 15.95 13.24 -15.02
C ASP A 664 15.67 14.47 -14.16
N ALA A 665 15.86 14.32 -12.86
CA ALA A 665 15.65 15.42 -11.93
C ALA A 665 16.99 16.14 -11.75
N ASP A 666 16.93 17.43 -11.43
CA ASP A 666 18.17 18.16 -11.22
C ASP A 666 18.74 17.69 -9.91
N VAL A 667 17.84 17.42 -8.96
CA VAL A 667 18.26 16.94 -7.65
C VAL A 667 17.22 15.98 -7.10
N ILE A 668 17.69 14.89 -6.51
CA ILE A 668 16.81 13.90 -5.90
C ILE A 668 17.25 13.67 -4.47
N THR A 669 16.28 13.56 -3.58
CA THR A 669 16.59 13.31 -2.18
C THR A 669 15.91 12.00 -1.80
N ILE A 670 16.68 11.09 -1.23
CA ILE A 670 16.15 9.79 -0.84
C ILE A 670 16.32 9.55 0.67
N GLU A 671 15.93 8.36 1.13
CA GLU A 671 16.06 7.97 2.53
C GLU A 671 17.42 7.34 2.77
N ASN A 672 18.07 7.73 3.86
CA ASN A 672 19.39 7.23 4.19
C ASN A 672 19.76 7.81 5.54
N SER A 673 20.37 7.01 6.40
CA SER A 673 20.79 7.44 7.75
C SER A 673 20.78 6.21 8.63
N ARG A 674 20.17 5.15 8.11
CA ARG A 674 20.08 3.88 8.80
C ARG A 674 20.66 2.87 7.83
N SER A 675 21.13 3.38 6.69
CA SER A 675 21.70 2.56 5.63
C SER A 675 23.22 2.76 5.57
N ASP A 676 23.92 1.75 5.07
CA ASP A 676 25.36 1.81 4.95
C ASP A 676 25.74 2.72 3.79
N GLU A 677 26.22 3.92 4.10
CA GLU A 677 26.60 4.87 3.05
C GLU A 677 27.26 4.25 1.83
N LYS A 678 28.08 3.24 2.04
CA LYS A 678 28.79 2.57 0.95
C LYS A 678 27.85 2.06 -0.15
N LEU A 679 26.57 1.87 0.19
CA LEU A 679 25.60 1.39 -0.80
C LEU A 679 25.21 2.44 -1.83
N LEU A 680 25.60 3.69 -1.59
CA LEU A 680 25.30 4.79 -2.51
C LEU A 680 26.09 4.69 -3.80
N SER A 681 26.99 3.71 -3.85
CA SER A 681 27.79 3.51 -5.04
C SER A 681 26.92 2.98 -6.18
N VAL A 682 25.66 2.67 -5.88
CA VAL A 682 24.74 2.17 -6.89
C VAL A 682 24.49 3.25 -7.94
N PHE A 683 24.78 4.50 -7.55
CA PHE A 683 24.61 5.64 -8.43
C PHE A 683 25.86 5.88 -9.27
N ARG A 684 27.02 5.85 -8.62
CA ARG A 684 28.28 6.08 -9.31
C ARG A 684 28.95 4.80 -9.76
N GLU A 685 28.25 3.94 -10.49
CA GLU A 685 28.87 2.69 -10.91
C GLU A 685 28.05 1.99 -11.97
N GLY A 686 28.53 2.02 -13.21
CA GLY A 686 27.81 1.40 -14.31
C GLY A 686 26.55 2.20 -14.53
N VAL A 687 26.50 3.36 -13.89
CA VAL A 687 25.36 4.25 -13.96
C VAL A 687 25.78 5.70 -14.19
N LYS A 688 26.79 6.16 -13.47
CA LYS A 688 27.28 7.53 -13.61
C LYS A 688 26.11 8.53 -13.62
N TYR A 689 25.52 8.74 -12.45
CA TYR A 689 24.37 9.64 -12.28
C TYR A 689 24.58 11.09 -12.74
N GLY A 690 25.60 11.76 -12.20
CA GLY A 690 25.86 13.13 -12.62
C GLY A 690 24.74 14.14 -12.46
N ALA A 691 24.09 14.14 -11.31
CA ALA A 691 23.01 15.08 -11.01
C ALA A 691 22.98 15.24 -9.49
N GLY A 692 22.16 16.15 -9.01
CA GLY A 692 22.07 16.37 -7.57
C GLY A 692 21.51 15.18 -6.80
N ILE A 693 22.14 14.85 -5.70
CA ILE A 693 21.69 13.75 -4.85
C ILE A 693 21.85 14.14 -3.37
N GLY A 694 20.78 13.96 -2.59
CA GLY A 694 20.83 14.29 -1.18
C GLY A 694 20.31 13.19 -0.26
N PRO A 695 21.16 12.20 0.07
CA PRO A 695 20.81 11.07 0.94
C PRO A 695 20.65 11.52 2.38
N GLY A 696 19.49 11.22 2.98
CA GLY A 696 19.21 11.61 4.35
C GLY A 696 20.35 11.43 5.33
N VAL A 697 20.37 12.25 6.37
CA VAL A 697 21.42 12.19 7.39
C VAL A 697 20.80 12.38 8.77
N TYR A 698 19.47 12.37 8.83
CA TYR A 698 18.72 12.56 10.06
C TYR A 698 17.41 11.77 10.00
N ASP A 699 17.31 10.74 10.85
CA ASP A 699 16.10 9.91 10.90
C ASP A 699 14.95 10.65 11.57
N ILE A 700 13.96 11.03 10.79
CA ILE A 700 12.82 11.77 11.32
C ILE A 700 11.79 10.92 12.06
N HIS A 701 11.98 9.61 12.07
CA HIS A 701 11.04 8.73 12.75
C HIS A 701 11.42 8.47 14.19
N SER A 702 12.60 8.94 14.58
CA SER A 702 13.09 8.78 15.94
C SER A 702 13.07 10.13 16.64
N PRO A 703 12.67 10.16 17.92
CA PRO A 703 12.63 11.43 18.66
C PRO A 703 14.00 11.88 19.17
N ARG A 704 15.04 11.11 18.90
CA ARG A 704 16.37 11.49 19.35
C ARG A 704 17.12 12.41 18.40
N ILE A 705 17.89 13.31 19.00
CA ILE A 705 18.67 14.33 18.30
C ILE A 705 20.06 13.86 17.84
N PRO A 706 20.28 13.72 16.54
CA PRO A 706 21.61 13.27 16.12
C PRO A 706 22.58 14.41 16.43
N SER A 707 23.87 14.11 16.50
CA SER A 707 24.84 15.15 16.81
C SER A 707 25.67 15.56 15.61
N SER A 708 26.16 16.80 15.64
CA SER A 708 26.99 17.32 14.55
C SER A 708 28.14 16.38 14.24
N GLU A 709 28.62 15.68 15.27
CA GLU A 709 29.72 14.74 15.11
C GLU A 709 29.28 13.57 14.22
N GLU A 710 28.12 13.01 14.53
CA GLU A 710 27.57 11.86 13.78
C GLU A 710 27.20 12.27 12.36
N ILE A 711 26.38 13.32 12.24
CA ILE A 711 25.94 13.82 10.94
C ILE A 711 27.13 14.12 10.06
N ALA A 712 28.09 14.90 10.58
CA ALA A 712 29.29 15.25 9.82
C ALA A 712 30.00 13.98 9.40
N ASP A 713 30.01 13.00 10.29
CA ASP A 713 30.66 11.74 10.04
C ASP A 713 29.99 11.04 8.84
N ARG A 714 28.67 11.02 8.83
CA ARG A 714 27.92 10.38 7.75
C ARG A 714 28.18 11.06 6.42
N VAL A 715 28.31 12.38 6.44
CA VAL A 715 28.55 13.15 5.21
C VAL A 715 29.92 12.88 4.63
N ASN A 716 30.90 12.61 5.49
CA ASN A 716 32.23 12.32 5.00
C ASN A 716 32.24 10.93 4.38
N LYS A 717 31.71 9.94 5.10
CA LYS A 717 31.67 8.58 4.58
C LYS A 717 30.91 8.57 3.27
N MSE A 718 29.93 9.46 3.18
CA MSE A 718 29.08 9.62 2.00
C MSE A 718 29.94 10.19 0.86
O MSE A 718 29.91 9.70 -0.27
CB MSE A 718 27.92 10.55 2.36
CG MSE A 718 26.71 10.48 1.48
SE MSE A 718 25.10 10.89 2.50
CE MSE A 718 25.54 12.68 3.08
N LEU A 719 30.71 11.24 1.17
CA LEU A 719 31.57 11.88 0.17
C LEU A 719 32.60 10.88 -0.35
N ALA A 720 32.85 9.85 0.45
CA ALA A 720 33.81 8.83 0.06
C ALA A 720 33.38 8.19 -1.25
N VAL A 721 32.07 8.25 -1.53
CA VAL A 721 31.52 7.66 -2.76
C VAL A 721 30.96 8.69 -3.73
N LEU A 722 30.23 9.67 -3.21
CA LEU A 722 29.64 10.70 -4.06
C LEU A 722 30.49 11.96 -4.21
N GLU A 723 30.39 12.56 -5.40
CA GLU A 723 31.14 13.75 -5.73
C GLU A 723 30.66 15.00 -4.97
N GLN A 724 31.58 15.65 -4.26
CA GLN A 724 31.22 16.87 -3.55
C GLN A 724 31.14 17.93 -4.63
N ASN A 725 29.91 18.19 -5.10
CA ASN A 725 29.61 19.18 -6.14
C ASN A 725 28.22 18.83 -6.64
N ILE A 726 27.65 17.79 -6.03
CA ILE A 726 26.30 17.34 -6.34
C ILE A 726 25.66 16.73 -5.10
N LEU A 727 26.38 16.76 -3.98
CA LEU A 727 25.88 16.20 -2.73
C LEU A 727 25.21 17.25 -1.84
N TRP A 728 23.95 17.03 -1.50
CA TRP A 728 23.20 17.93 -0.63
C TRP A 728 23.11 17.34 0.77
N VAL A 729 22.80 18.19 1.74
CA VAL A 729 22.67 17.77 3.13
C VAL A 729 21.26 18.11 3.61
N ASN A 730 20.47 17.08 3.88
CA ASN A 730 19.08 17.25 4.32
C ASN A 730 18.62 16.04 5.14
N PRO A 731 17.41 16.12 5.73
CA PRO A 731 16.86 15.02 6.54
C PRO A 731 16.35 13.84 5.72
N ASP A 732 15.83 12.84 6.41
CA ASP A 732 15.29 11.62 5.81
C ASP A 732 13.95 11.86 5.13
N CYS A 733 13.17 12.78 5.71
CA CYS A 733 11.86 13.12 5.18
C CYS A 733 11.35 14.38 5.86
N GLY A 734 10.06 14.62 5.76
CA GLY A 734 9.44 15.79 6.38
C GLY A 734 9.62 15.78 7.88
N LEU A 735 9.16 16.84 8.54
CA LEU A 735 9.30 16.97 9.99
C LEU A 735 7.95 17.06 10.71
N LYS A 736 6.86 16.90 9.95
CA LYS A 736 5.51 16.98 10.47
C LYS A 736 5.30 16.23 11.80
N THR A 737 5.76 14.97 11.85
CA THR A 737 5.62 14.11 13.02
C THR A 737 6.57 14.39 14.20
N ARG A 738 7.58 15.20 13.95
CA ARG A 738 8.56 15.56 14.98
C ARG A 738 8.07 16.75 15.81
N LYS A 739 8.79 17.10 16.88
CA LYS A 739 8.41 18.24 17.71
C LYS A 739 9.55 19.24 17.60
N TYR A 740 9.24 20.54 17.56
CA TYR A 740 10.28 21.56 17.44
C TYR A 740 11.44 21.38 18.42
N THR A 741 11.17 20.78 19.57
CA THR A 741 12.21 20.55 20.57
C THR A 741 13.20 19.50 20.07
N GLU A 742 12.82 18.75 19.05
CA GLU A 742 13.68 17.71 18.47
C GLU A 742 14.28 18.15 17.14
N VAL A 743 13.54 18.96 16.38
CA VAL A 743 14.01 19.44 15.09
C VAL A 743 15.02 20.58 15.19
N LYS A 744 14.75 21.54 16.08
CA LYS A 744 15.64 22.68 16.23
C LYS A 744 17.10 22.30 16.45
N PRO A 745 17.41 21.62 17.57
CA PRO A 745 18.82 21.25 17.78
C PRO A 745 19.31 20.26 16.72
N ALA A 746 18.42 19.40 16.25
CA ALA A 746 18.79 18.42 15.23
C ALA A 746 19.31 19.14 13.98
N LEU A 747 18.50 20.04 13.46
CA LEU A 747 18.87 20.79 12.27
C LEU A 747 20.17 21.57 12.46
N LYS A 748 20.29 22.25 13.59
CA LYS A 748 21.51 23.03 13.86
C LYS A 748 22.76 22.14 13.78
N ASN A 749 22.63 20.87 14.16
CA ASN A 749 23.79 19.98 14.09
C ASN A 749 24.11 19.62 12.66
N MSE A 750 23.06 19.46 11.85
CA MSE A 750 23.21 19.10 10.45
C MSE A 750 24.03 20.17 9.70
O MSE A 750 24.94 19.85 8.94
CB MSE A 750 21.82 18.95 9.81
CG MSE A 750 21.81 18.44 8.38
SE MSE A 750 20.03 18.29 7.65
CE MSE A 750 19.87 20.06 6.87
N VAL A 751 23.70 21.43 9.96
CA VAL A 751 24.37 22.54 9.32
C VAL A 751 25.81 22.71 9.80
N ASP A 752 26.03 22.55 11.09
CA ASP A 752 27.37 22.69 11.63
C ASP A 752 28.25 21.66 10.92
N ALA A 753 27.72 20.45 10.81
CA ALA A 753 28.43 19.36 10.14
C ALA A 753 28.82 19.78 8.74
N ALA A 754 27.87 20.33 7.99
CA ALA A 754 28.14 20.78 6.63
C ALA A 754 29.18 21.89 6.63
N LYS A 755 28.84 23.02 7.25
CA LYS A 755 29.75 24.15 7.31
C LYS A 755 31.17 23.66 7.61
N LEU A 756 31.29 22.79 8.60
CA LEU A 756 32.59 22.23 8.96
C LEU A 756 33.21 21.53 7.76
N ILE A 757 32.57 20.46 7.29
CA ILE A 757 33.06 19.70 6.15
C ILE A 757 33.47 20.66 5.03
N ARG A 758 32.74 21.77 4.92
CA ARG A 758 33.02 22.78 3.89
C ARG A 758 34.41 23.40 4.06
N SER A 759 34.76 23.71 5.29
CA SER A 759 36.06 24.31 5.59
C SER A 759 37.16 23.32 5.25
N GLN A 760 36.98 22.06 5.64
CA GLN A 760 37.98 21.04 5.34
C GLN A 760 38.12 20.91 3.83
ZN ZN B . 9.91 10.87 2.51
ZN ZN C . 15.89 4.27 -19.65
S SO4 D . 15.67 -12.48 18.56
O1 SO4 D . 14.38 -12.58 19.27
O2 SO4 D . 16.69 -13.28 19.28
O3 SO4 D . 15.52 -12.99 17.19
O4 SO4 D . 16.09 -11.06 18.50
S SO4 E . 12.86 0.77 1.26
O1 SO4 E . 13.18 1.88 2.16
O2 SO4 E . 13.38 -0.50 1.83
O3 SO4 E . 11.39 0.67 1.11
O4 SO4 E . 13.46 0.99 -0.07
S SO4 F . -21.29 -24.94 4.29
O1 SO4 F . -22.54 -24.50 4.94
O2 SO4 F . -20.12 -24.34 4.98
O3 SO4 F . -21.19 -26.41 4.35
O4 SO4 F . -21.30 -24.51 2.88
S SO4 G . -2.03 -0.30 -16.62
O1 SO4 G . -3.19 -0.64 -15.76
O2 SO4 G . -0.77 -0.45 -15.86
O3 SO4 G . -2.01 -1.21 -17.78
O4 SO4 G . -2.15 1.10 -17.07
N MET H . 7.06 17.33 1.32
CA MET H . 6.20 16.58 2.28
C MET H . 6.82 16.59 3.67
O MET H . 7.92 17.15 3.84
CB MET H . 6.02 15.14 1.80
CG MET H . 7.27 14.27 1.96
SD MET H . 7.04 12.62 1.24
CE MET H . 6.04 11.78 2.49
OXT MET H . 6.19 16.02 4.58
#